data_7QDD
#
_entry.id   7QDD
#
loop_
_entity.id
_entity.type
_entity.pdbx_description
1 polymer "RNA (5'-R(*AP*UP*CP*CP*AP*A)-3')"
2 polymer 'Nucleolar protein 3'
#
loop_
_entity_poly.entity_id
_entity_poly.type
_entity_poly.pdbx_seq_one_letter_code
_entity_poly.pdbx_strand_id
1 'polyribonucleotide' AUCCAA A
2 'polypeptide(L)'
;MHHRQEGELSNTRLFVRPFPLDVQESELNEIFGPFGPMKEVKILNGFAFVEFEEAESAAKAIEEVHGKSFANQPLEVVYS
KLPAKRYR
;
B
#
# COMPACT_ATOMS: atom_id res chain seq x y z
N MET B 1 -1.24 18.64 -14.60
CA MET B 1 -2.16 17.48 -14.57
C MET B 1 -3.31 17.74 -13.60
N HIS B 2 -4.47 17.17 -13.88
CA HIS B 2 -5.68 17.34 -13.06
C HIS B 2 -5.48 16.74 -11.67
N HIS B 3 -6.20 17.27 -10.67
CA HIS B 3 -6.01 16.85 -9.29
C HIS B 3 -6.55 15.44 -9.03
N ARG B 4 -7.12 14.80 -10.06
CA ARG B 4 -7.59 13.43 -9.95
C ARG B 4 -6.40 12.46 -9.89
N GLN B 5 -5.21 12.94 -10.27
CA GLN B 5 -4.00 12.13 -10.28
C GLN B 5 -2.83 12.86 -9.61
N GLU B 6 -3.12 13.97 -8.92
CA GLU B 6 -2.09 14.75 -8.23
C GLU B 6 -2.58 15.23 -6.88
N GLY B 7 -1.66 15.43 -5.95
CA GLY B 7 -1.99 15.88 -4.59
C GLY B 7 -1.00 15.29 -3.60
N GLU B 8 -1.12 15.69 -2.33
CA GLU B 8 -0.27 15.15 -1.28
C GLU B 8 -0.71 13.73 -0.93
N LEU B 9 0.20 12.76 -1.07
CA LEU B 9 -0.09 11.40 -0.67
C LEU B 9 0.09 11.24 0.84
N SER B 10 -0.61 10.28 1.44
CA SER B 10 -0.45 10.00 2.85
C SER B 10 0.79 9.13 3.08
N ASN B 11 1.47 9.34 4.21
CA ASN B 11 2.64 8.56 4.53
C ASN B 11 2.23 7.16 4.97
N THR B 12 0.94 6.95 5.30
CA THR B 12 0.45 5.67 5.78
C THR B 12 -0.33 4.88 4.73
N ARG B 13 -1.08 5.56 3.86
CA ARG B 13 -1.88 4.90 2.83
C ARG B 13 -0.96 4.51 1.67
N LEU B 14 -0.75 3.21 1.46
CA LEU B 14 0.14 2.71 0.42
C LEU B 14 -0.62 2.29 -0.84
N PHE B 15 0.01 2.41 -2.01
CA PHE B 15 -0.51 1.88 -3.26
C PHE B 15 0.29 0.61 -3.52
N VAL B 16 -0.37 -0.43 -4.01
CA VAL B 16 0.31 -1.67 -4.36
C VAL B 16 -0.20 -2.22 -5.68
N ARG B 17 0.73 -2.51 -6.60
CA ARG B 17 0.41 -2.91 -7.96
C ARG B 17 1.69 -3.33 -8.69
N PRO B 18 1.58 -4.12 -9.77
CA PRO B 18 0.35 -4.71 -10.26
C PRO B 18 -0.10 -5.85 -9.35
N PHE B 19 -1.40 -6.14 -9.40
CA PHE B 19 -1.96 -7.33 -8.75
C PHE B 19 -2.73 -8.24 -9.70
N PRO B 20 -2.80 -9.53 -9.35
CA PRO B 20 -3.61 -10.51 -10.05
C PRO B 20 -5.07 -10.25 -9.72
N LEU B 21 -5.99 -10.98 -10.38
CA LEU B 21 -7.40 -10.86 -10.08
C LEU B 21 -7.83 -11.88 -9.02
N ASP B 22 -6.88 -12.28 -8.16
CA ASP B 22 -7.12 -13.27 -7.13
C ASP B 22 -6.31 -12.97 -5.87
N VAL B 23 -5.72 -11.77 -5.76
CA VAL B 23 -5.02 -11.35 -4.54
C VAL B 23 -6.07 -11.20 -3.43
N GLN B 24 -5.63 -11.36 -2.18
CA GLN B 24 -6.52 -11.31 -1.04
C GLN B 24 -5.89 -10.48 0.07
N GLU B 25 -6.73 -9.87 0.91
CA GLU B 25 -6.25 -9.04 2.01
C GLU B 25 -5.41 -9.88 2.97
N SER B 26 -5.66 -11.19 3.03
CA SER B 26 -4.92 -12.08 3.90
C SER B 26 -3.47 -12.23 3.42
N GLU B 27 -3.23 -12.05 2.12
CA GLU B 27 -1.89 -12.13 1.57
C GLU B 27 -1.09 -10.90 1.98
N LEU B 28 -1.68 -9.71 1.85
CA LEU B 28 -0.99 -8.47 2.13
C LEU B 28 -0.75 -8.31 3.63
N ASN B 29 -1.59 -8.91 4.47
CA ASN B 29 -1.40 -8.83 5.90
C ASN B 29 -0.14 -9.58 6.34
N GLU B 30 0.26 -10.61 5.57
CA GLU B 30 1.46 -11.36 5.89
C GLU B 30 2.70 -10.66 5.34
N ILE B 31 2.54 -9.90 4.24
CA ILE B 31 3.65 -9.19 3.62
C ILE B 31 3.92 -7.87 4.32
N PHE B 32 2.88 -7.05 4.49
CA PHE B 32 3.02 -5.72 5.06
C PHE B 32 2.91 -5.71 6.59
N GLY B 33 2.32 -6.77 7.17
CA GLY B 33 2.08 -6.82 8.61
C GLY B 33 3.36 -6.75 9.45
N PRO B 34 4.43 -7.47 9.06
CA PRO B 34 5.71 -7.47 9.76
C PRO B 34 6.40 -6.10 9.80
N PHE B 35 5.72 -5.04 9.36
CA PHE B 35 6.30 -3.70 9.28
C PHE B 35 5.65 -2.73 10.26
N GLY B 36 4.62 -3.18 10.97
CA GLY B 36 3.94 -2.37 11.97
C GLY B 36 2.45 -2.65 11.99
N PRO B 37 1.73 -2.04 12.95
CA PRO B 37 0.29 -2.17 13.07
C PRO B 37 -0.39 -1.52 11.88
N MET B 38 -1.25 -2.29 11.20
CA MET B 38 -1.96 -1.83 10.02
C MET B 38 -3.28 -1.19 10.40
N LYS B 39 -3.67 -0.16 9.67
CA LYS B 39 -4.89 0.59 9.93
C LYS B 39 -6.06 0.00 9.15
N GLU B 40 -5.85 -0.28 7.87
CA GLU B 40 -6.92 -0.73 6.98
C GLU B 40 -6.32 -1.37 5.74
N VAL B 41 -7.06 -2.30 5.12
CA VAL B 41 -6.67 -2.88 3.85
C VAL B 41 -7.88 -3.02 2.93
N LYS B 42 -7.68 -2.76 1.64
CA LYS B 42 -8.71 -2.96 0.64
C LYS B 42 -8.07 -3.45 -0.66
N ILE B 43 -8.57 -4.57 -1.19
CA ILE B 43 -8.07 -5.15 -2.43
C ILE B 43 -9.03 -4.81 -3.57
N LEU B 44 -8.48 -4.55 -4.77
CA LEU B 44 -9.25 -4.12 -5.92
C LEU B 44 -8.69 -4.72 -7.20
N ASN B 45 -9.40 -4.48 -8.31
CA ASN B 45 -9.05 -5.03 -9.60
C ASN B 45 -7.79 -4.35 -10.16
N GLY B 46 -6.62 -4.84 -9.73
CA GLY B 46 -5.34 -4.42 -10.27
C GLY B 46 -4.49 -3.70 -9.22
N PHE B 47 -5.07 -3.43 -8.04
CA PHE B 47 -4.35 -2.78 -6.96
C PHE B 47 -4.97 -3.01 -5.59
N ALA B 48 -4.30 -2.56 -4.54
CA ALA B 48 -4.81 -2.58 -3.19
C ALA B 48 -4.30 -1.36 -2.44
N PHE B 49 -5.00 -0.99 -1.37
CA PHE B 49 -4.60 0.12 -0.53
C PHE B 49 -4.36 -0.35 0.90
N VAL B 50 -3.11 -0.31 1.35
CA VAL B 50 -2.73 -0.76 2.68
C VAL B 50 -2.37 0.46 3.51
N GLU B 51 -3.15 0.73 4.54
CA GLU B 51 -2.89 1.86 5.42
C GLU B 51 -2.23 1.38 6.72
N PHE B 52 -1.33 2.18 7.27
CA PHE B 52 -0.71 1.92 8.55
C PHE B 52 -1.17 2.85 9.67
N GLU B 53 -0.99 2.41 10.92
CA GLU B 53 -1.28 3.25 12.07
C GLU B 53 -0.12 4.21 12.35
N GLU B 54 1.02 4.01 11.67
CA GLU B 54 2.19 4.86 11.83
C GLU B 54 2.86 5.11 10.49
N ALA B 55 3.41 6.31 10.31
CA ALA B 55 4.06 6.70 9.07
C ALA B 55 5.37 5.96 8.88
N GLU B 56 6.07 5.65 9.98
CA GLU B 56 7.34 4.95 9.91
C GLU B 56 7.13 3.51 9.48
N SER B 57 5.96 2.95 9.80
CA SER B 57 5.64 1.58 9.44
C SER B 57 5.39 1.45 7.95
N ALA B 58 4.64 2.41 7.39
CA ALA B 58 4.33 2.42 5.98
C ALA B 58 5.56 2.79 5.17
N ALA B 59 6.36 3.73 5.67
CA ALA B 59 7.57 4.15 4.98
C ALA B 59 8.58 3.00 4.91
N LYS B 60 8.58 2.13 5.93
CA LYS B 60 9.45 0.95 5.94
C LYS B 60 8.90 -0.10 4.98
N ALA B 61 7.59 -0.34 5.03
CA ALA B 61 6.98 -1.34 4.16
C ALA B 61 7.17 -0.98 2.69
N ILE B 62 7.37 0.29 2.37
CA ILE B 62 7.70 0.67 1.00
C ILE B 62 9.14 0.26 0.71
N GLU B 63 10.06 0.63 1.60
CA GLU B 63 11.47 0.37 1.41
C GLU B 63 11.80 -1.11 1.54
N GLU B 64 10.81 -1.96 1.85
CA GLU B 64 11.04 -3.38 2.03
C GLU B 64 10.17 -4.25 1.12
N VAL B 65 8.92 -3.83 0.84
CA VAL B 65 8.02 -4.60 0.00
C VAL B 65 8.06 -4.13 -1.45
N HIS B 66 8.54 -2.92 -1.69
CA HIS B 66 8.65 -2.42 -3.06
C HIS B 66 9.60 -3.31 -3.83
N GLY B 67 9.08 -3.99 -4.85
CA GLY B 67 9.89 -4.84 -5.71
C GLY B 67 9.84 -6.30 -5.29
N LYS B 68 8.91 -6.67 -4.40
CA LYS B 68 8.80 -8.05 -3.94
C LYS B 68 8.01 -8.89 -4.93
N SER B 69 8.20 -10.20 -4.90
CA SER B 69 7.52 -11.10 -5.82
C SER B 69 6.07 -11.32 -5.40
N PHE B 70 5.18 -11.34 -6.38
CA PHE B 70 3.76 -11.60 -6.17
C PHE B 70 3.23 -11.92 -7.57
N ALA B 71 2.39 -12.96 -7.69
CA ALA B 71 1.86 -13.36 -8.99
C ALA B 71 2.97 -13.53 -10.03
N ASN B 72 4.11 -14.11 -9.60
CA ASN B 72 5.23 -14.41 -10.49
C ASN B 72 5.88 -13.17 -11.11
N GLN B 73 5.78 -12.01 -10.46
CA GLN B 73 6.38 -10.78 -10.95
C GLN B 73 6.59 -9.80 -9.80
N PRO B 74 7.59 -8.90 -9.92
CA PRO B 74 7.89 -7.92 -8.91
C PRO B 74 6.80 -6.83 -8.87
N LEU B 75 6.19 -6.64 -7.70
CA LEU B 75 5.22 -5.56 -7.50
C LEU B 75 5.91 -4.30 -7.01
N GLU B 76 5.15 -3.20 -6.94
CA GLU B 76 5.64 -1.92 -6.47
C GLU B 76 4.84 -1.44 -5.28
N VAL B 77 5.50 -0.66 -4.43
CA VAL B 77 4.89 -0.07 -3.25
C VAL B 77 5.33 1.38 -3.12
N VAL B 78 4.38 2.30 -2.96
CA VAL B 78 4.65 3.73 -2.84
C VAL B 78 3.47 4.36 -2.11
N TYR B 79 3.53 5.66 -1.84
CA TYR B 79 2.45 6.35 -1.17
C TYR B 79 1.25 6.52 -2.10
N SER B 80 0.05 6.50 -1.52
CA SER B 80 -1.20 6.64 -2.27
C SER B 80 -2.00 7.83 -1.75
N LYS B 81 -3.10 8.15 -2.43
CA LYS B 81 -3.91 9.31 -2.12
C LYS B 81 -4.34 9.33 -0.66
N LEU B 82 -4.45 10.54 -0.10
CA LEU B 82 -4.63 10.75 1.33
C LEU B 82 -6.05 10.41 1.77
N PRO B 83 -6.21 9.51 2.76
CA PRO B 83 -7.49 9.08 3.30
C PRO B 83 -8.17 10.17 4.13
N ALA B 84 -9.41 9.89 4.53
CA ALA B 84 -10.15 10.68 5.49
C ALA B 84 -10.39 12.13 5.04
N LYS B 85 -10.35 12.38 3.72
CA LYS B 85 -10.72 13.68 3.17
C LYS B 85 -12.23 13.86 3.10
N ARG B 86 -12.99 12.82 3.48
CA ARG B 86 -14.44 12.82 3.41
C ARG B 86 -15.02 13.86 4.37
N TYR B 87 -16.22 14.36 4.06
CA TYR B 87 -16.89 15.34 4.91
C TYR B 87 -17.24 14.82 6.29
N ARG B 88 -17.38 15.74 7.25
CA ARG B 88 -17.71 15.40 8.63
C ARG B 88 -18.39 16.58 9.32
N MET B 1 -3.48 22.48 -2.04
CA MET B 1 -2.58 21.33 -2.27
C MET B 1 -1.40 21.74 -3.14
N HIS B 2 -0.35 20.91 -3.15
CA HIS B 2 0.83 21.14 -3.97
C HIS B 2 0.50 20.92 -5.45
N HIS B 3 1.42 21.29 -6.32
CA HIS B 3 1.24 21.20 -7.77
C HIS B 3 1.28 19.75 -8.26
N ARG B 4 1.34 18.78 -7.34
CA ARG B 4 1.39 17.36 -7.70
C ARG B 4 0.08 16.97 -8.39
N GLN B 5 0.18 16.30 -9.54
CA GLN B 5 -0.98 15.93 -10.34
C GLN B 5 -1.75 14.77 -9.70
N GLU B 6 -1.12 14.05 -8.77
CA GLU B 6 -1.74 12.93 -8.09
C GLU B 6 -2.52 13.38 -6.86
N GLY B 7 -2.51 14.68 -6.55
CA GLY B 7 -3.10 15.19 -5.33
C GLY B 7 -2.20 14.91 -4.14
N GLU B 8 -2.71 15.05 -2.92
CA GLU B 8 -1.93 14.79 -1.72
C GLU B 8 -2.01 13.32 -1.34
N LEU B 9 -0.85 12.67 -1.19
CA LEU B 9 -0.74 11.30 -0.71
C LEU B 9 -0.50 11.32 0.79
N SER B 10 -0.78 10.20 1.45
CA SER B 10 -0.51 10.06 2.87
C SER B 10 0.72 9.19 3.10
N ASN B 11 1.42 9.42 4.21
CA ASN B 11 2.59 8.63 4.56
C ASN B 11 2.16 7.24 5.02
N THR B 12 0.90 7.08 5.42
CA THR B 12 0.40 5.79 5.91
C THR B 12 -0.31 4.98 4.83
N ARG B 13 -1.04 5.64 3.93
CA ARG B 13 -1.78 4.95 2.88
C ARG B 13 -0.81 4.54 1.77
N LEU B 14 -0.79 3.26 1.42
CA LEU B 14 0.12 2.72 0.40
C LEU B 14 -0.64 2.27 -0.85
N PHE B 15 0.06 2.20 -1.99
CA PHE B 15 -0.47 1.67 -3.24
C PHE B 15 0.33 0.41 -3.52
N VAL B 16 -0.33 -0.63 -4.06
CA VAL B 16 0.34 -1.86 -4.46
C VAL B 16 -0.12 -2.34 -5.82
N ARG B 17 0.84 -2.65 -6.71
CA ARG B 17 0.56 -3.03 -8.08
C ARG B 17 1.85 -3.53 -8.76
N PRO B 18 1.74 -4.33 -9.84
CA PRO B 18 0.52 -4.86 -10.39
C PRO B 18 -0.03 -5.99 -9.53
N PHE B 19 -1.36 -6.05 -9.41
CA PHE B 19 -2.05 -7.10 -8.67
C PHE B 19 -2.86 -8.03 -9.57
N PRO B 20 -2.94 -9.32 -9.20
CA PRO B 20 -3.76 -10.31 -9.88
C PRO B 20 -5.22 -10.08 -9.51
N LEU B 21 -6.13 -10.86 -10.09
CA LEU B 21 -7.56 -10.78 -9.81
C LEU B 21 -7.98 -11.86 -8.80
N ASP B 22 -7.03 -12.34 -7.99
CA ASP B 22 -7.29 -13.41 -7.04
C ASP B 22 -6.52 -13.13 -5.72
N VAL B 23 -5.96 -11.94 -5.59
CA VAL B 23 -5.27 -11.50 -4.38
C VAL B 23 -6.31 -11.29 -3.28
N GLN B 24 -5.88 -11.43 -2.03
CA GLN B 24 -6.74 -11.28 -0.86
C GLN B 24 -6.04 -10.43 0.18
N GLU B 25 -6.81 -9.77 1.06
CA GLU B 25 -6.24 -8.92 2.08
C GLU B 25 -5.40 -9.76 3.04
N SER B 26 -5.69 -11.06 3.12
CA SER B 26 -4.96 -11.97 4.01
C SER B 26 -3.55 -12.20 3.49
N GLU B 27 -3.31 -12.01 2.18
CA GLU B 27 -1.99 -12.13 1.62
C GLU B 27 -1.16 -10.90 1.99
N LEU B 28 -1.76 -9.71 1.87
CA LEU B 28 -1.08 -8.46 2.15
C LEU B 28 -0.80 -8.33 3.65
N ASN B 29 -1.66 -8.89 4.50
CA ASN B 29 -1.43 -8.83 5.93
C ASN B 29 -0.16 -9.59 6.32
N GLU B 30 0.23 -10.60 5.52
CA GLU B 30 1.44 -11.36 5.78
C GLU B 30 2.67 -10.64 5.22
N ILE B 31 2.49 -9.87 4.14
CA ILE B 31 3.59 -9.15 3.52
C ILE B 31 3.88 -7.85 4.26
N PHE B 32 2.85 -7.02 4.46
CA PHE B 32 3.00 -5.71 5.05
C PHE B 32 2.89 -5.73 6.58
N GLY B 33 2.29 -6.78 7.15
CA GLY B 33 2.08 -6.86 8.59
C GLY B 33 3.38 -6.80 9.40
N PRO B 34 4.44 -7.51 8.99
CA PRO B 34 5.75 -7.51 9.65
C PRO B 34 6.43 -6.14 9.68
N PHE B 35 5.72 -5.06 9.34
CA PHE B 35 6.29 -3.73 9.27
C PHE B 35 5.65 -2.75 10.24
N GLY B 36 4.61 -3.20 10.95
CA GLY B 36 3.93 -2.40 11.96
C GLY B 36 2.44 -2.69 11.99
N PRO B 37 1.73 -2.09 12.95
CA PRO B 37 0.30 -2.23 13.08
C PRO B 37 -0.41 -1.58 11.90
N MET B 38 -1.28 -2.32 11.23
CA MET B 38 -1.98 -1.86 10.04
C MET B 38 -3.31 -1.21 10.42
N LYS B 39 -3.68 -0.15 9.69
CA LYS B 39 -4.90 0.60 9.94
C LYS B 39 -6.06 0.04 9.13
N GLU B 40 -5.81 -0.27 7.85
CA GLU B 40 -6.87 -0.69 6.93
C GLU B 40 -6.26 -1.37 5.72
N VAL B 41 -7.01 -2.28 5.11
CA VAL B 41 -6.64 -2.92 3.85
C VAL B 41 -7.84 -3.04 2.93
N LYS B 42 -7.65 -2.73 1.65
CA LYS B 42 -8.70 -2.87 0.65
C LYS B 42 -8.09 -3.37 -0.65
N ILE B 43 -8.62 -4.49 -1.15
CA ILE B 43 -8.19 -5.09 -2.39
C ILE B 43 -9.13 -4.67 -3.52
N LEU B 44 -8.59 -4.40 -4.71
CA LEU B 44 -9.36 -3.92 -5.85
C LEU B 44 -8.83 -4.53 -7.13
N ASN B 45 -9.53 -4.28 -8.23
CA ASN B 45 -9.17 -4.82 -9.52
C ASN B 45 -7.90 -4.15 -10.05
N GLY B 46 -6.76 -4.82 -9.87
CA GLY B 46 -5.48 -4.39 -10.42
C GLY B 46 -4.59 -3.76 -9.36
N PHE B 47 -5.13 -3.53 -8.15
CA PHE B 47 -4.34 -2.94 -7.06
C PHE B 47 -4.98 -3.11 -5.70
N ALA B 48 -4.27 -2.68 -4.66
CA ALA B 48 -4.80 -2.69 -3.31
C ALA B 48 -4.22 -1.51 -2.54
N PHE B 49 -4.91 -1.09 -1.49
CA PHE B 49 -4.44 -0.03 -0.62
C PHE B 49 -4.23 -0.56 0.79
N VAL B 50 -3.09 -0.20 1.39
CA VAL B 50 -2.72 -0.67 2.70
C VAL B 50 -2.35 0.53 3.55
N GLU B 51 -3.12 0.80 4.58
CA GLU B 51 -2.84 1.92 5.47
C GLU B 51 -2.20 1.41 6.76
N PHE B 52 -1.29 2.19 7.33
CA PHE B 52 -0.69 1.90 8.62
C PHE B 52 -1.15 2.82 9.75
N GLU B 53 -0.99 2.37 10.99
CA GLU B 53 -1.28 3.20 12.15
C GLU B 53 -0.13 4.15 12.43
N GLU B 54 1.01 3.96 11.75
CA GLU B 54 2.18 4.81 11.91
C GLU B 54 2.83 5.06 10.56
N ALA B 55 3.34 6.28 10.36
CA ALA B 55 3.97 6.68 9.12
C ALA B 55 5.29 5.96 8.92
N GLU B 56 5.99 5.66 10.01
CA GLU B 56 7.28 4.98 9.94
C GLU B 56 7.10 3.55 9.47
N SER B 57 5.94 2.96 9.78
CA SER B 57 5.63 1.60 9.42
C SER B 57 5.33 1.48 7.92
N ALA B 58 4.58 2.45 7.39
CA ALA B 58 4.25 2.46 5.97
C ALA B 58 5.48 2.83 5.15
N ALA B 59 6.27 3.78 5.63
CA ALA B 59 7.48 4.19 4.93
C ALA B 59 8.50 3.05 4.88
N LYS B 60 8.50 2.18 5.90
CA LYS B 60 9.38 1.02 5.93
C LYS B 60 8.87 -0.06 4.98
N ALA B 61 7.56 -0.32 5.00
CA ALA B 61 6.96 -1.33 4.14
C ALA B 61 7.17 -0.98 2.67
N ILE B 62 7.34 0.30 2.35
CA ILE B 62 7.68 0.69 0.99
C ILE B 62 9.12 0.29 0.70
N GLU B 63 10.03 0.67 1.60
CA GLU B 63 11.44 0.44 1.42
C GLU B 63 11.81 -1.04 1.54
N GLU B 64 10.83 -1.90 1.86
CA GLU B 64 11.09 -3.31 2.06
C GLU B 64 10.24 -4.21 1.15
N VAL B 65 9.00 -3.81 0.86
CA VAL B 65 8.13 -4.62 0.01
C VAL B 65 8.21 -4.17 -1.45
N HIS B 66 8.63 -2.93 -1.70
CA HIS B 66 8.76 -2.44 -3.06
C HIS B 66 9.74 -3.32 -3.83
N GLY B 67 9.23 -4.04 -4.84
CA GLY B 67 10.05 -4.87 -5.69
C GLY B 67 10.00 -6.34 -5.28
N LYS B 68 9.08 -6.72 -4.40
CA LYS B 68 8.97 -8.09 -3.94
C LYS B 68 8.18 -8.92 -4.95
N SER B 69 8.32 -10.25 -4.88
CA SER B 69 7.62 -11.13 -5.81
C SER B 69 6.14 -11.25 -5.45
N PHE B 70 5.27 -11.13 -6.45
CA PHE B 70 3.83 -11.30 -6.30
C PHE B 70 3.32 -11.62 -7.70
N ALA B 71 2.43 -12.60 -7.83
CA ALA B 71 1.91 -13.00 -9.13
C ALA B 71 3.04 -13.26 -10.14
N ASN B 72 4.11 -13.92 -9.67
CA ASN B 72 5.24 -14.31 -10.51
C ASN B 72 5.99 -13.14 -11.13
N GLN B 73 5.94 -11.96 -10.48
CA GLN B 73 6.66 -10.78 -10.97
C GLN B 73 6.88 -9.79 -9.82
N PRO B 74 7.92 -8.95 -9.92
CA PRO B 74 8.22 -7.96 -8.90
C PRO B 74 7.14 -6.87 -8.91
N LEU B 75 6.50 -6.66 -7.76
CA LEU B 75 5.51 -5.61 -7.60
C LEU B 75 6.17 -4.30 -7.16
N GLU B 76 5.35 -3.25 -7.02
CA GLU B 76 5.80 -1.96 -6.55
C GLU B 76 4.96 -1.50 -5.37
N VAL B 77 5.59 -0.75 -4.47
CA VAL B 77 4.95 -0.17 -3.31
C VAL B 77 5.35 1.29 -3.17
N VAL B 78 4.37 2.17 -3.03
CA VAL B 78 4.63 3.61 -2.91
C VAL B 78 3.45 4.22 -2.16
N TYR B 79 3.48 5.52 -1.91
CA TYR B 79 2.38 6.20 -1.25
C TYR B 79 1.15 6.25 -2.16
N SER B 80 -0.02 6.31 -1.54
CA SER B 80 -1.29 6.45 -2.25
C SER B 80 -2.05 7.66 -1.72
N LYS B 81 -3.15 8.02 -2.40
CA LYS B 81 -3.91 9.21 -2.06
C LYS B 81 -4.31 9.25 -0.59
N LEU B 82 -4.35 10.47 -0.05
CA LEU B 82 -4.62 10.70 1.36
C LEU B 82 -6.06 10.32 1.72
N PRO B 83 -6.24 9.47 2.74
CA PRO B 83 -7.55 9.03 3.20
C PRO B 83 -8.27 10.14 3.94
N ALA B 84 -7.58 10.78 4.88
CA ALA B 84 -8.21 11.74 5.78
C ALA B 84 -7.18 12.54 6.57
N LYS B 85 -5.98 11.97 6.76
CA LYS B 85 -4.91 12.62 7.52
C LYS B 85 -3.57 11.96 7.19
N ARG B 86 -2.47 12.67 7.45
CA ARG B 86 -1.12 12.14 7.29
C ARG B 86 -0.19 12.77 8.33
N TYR B 87 0.97 12.14 8.55
CA TYR B 87 1.96 12.65 9.49
C TYR B 87 2.63 13.94 9.05
N ARG B 88 3.01 14.78 10.01
CA ARG B 88 3.67 16.07 9.75
C ARG B 88 4.68 16.38 10.85
N MET B 1 7.88 14.59 -18.19
CA MET B 1 7.57 13.67 -17.09
C MET B 1 6.08 13.68 -16.79
N HIS B 2 5.50 12.51 -16.54
CA HIS B 2 4.07 12.37 -16.26
C HIS B 2 3.80 11.23 -15.28
N HIS B 3 4.86 10.67 -14.69
CA HIS B 3 4.74 9.55 -13.76
C HIS B 3 4.26 10.02 -12.39
N ARG B 4 4.23 11.33 -12.16
CA ARG B 4 3.79 11.90 -10.89
C ARG B 4 2.29 11.69 -10.72
N GLN B 5 1.87 11.25 -9.53
CA GLN B 5 0.47 11.09 -9.21
C GLN B 5 -0.08 12.40 -8.64
N GLU B 6 -1.31 12.78 -9.02
CA GLU B 6 -1.92 14.01 -8.57
C GLU B 6 -2.62 13.83 -7.22
N GLY B 7 -2.91 14.94 -6.54
CA GLY B 7 -3.53 14.93 -5.23
C GLY B 7 -2.49 14.68 -4.14
N GLU B 8 -2.86 14.94 -2.89
CA GLU B 8 -1.97 14.72 -1.76
C GLU B 8 -1.97 13.25 -1.36
N LEU B 9 -0.78 12.64 -1.27
CA LEU B 9 -0.63 11.27 -0.78
C LEU B 9 -0.39 11.30 0.73
N SER B 10 -0.71 10.18 1.39
CA SER B 10 -0.47 10.05 2.82
C SER B 10 0.76 9.20 3.08
N ASN B 11 1.43 9.42 4.22
CA ASN B 11 2.59 8.64 4.57
C ASN B 11 2.17 7.25 5.06
N THR B 12 0.89 7.08 5.42
CA THR B 12 0.38 5.82 5.93
C THR B 12 -0.33 5.00 4.85
N ARG B 13 -1.06 5.66 3.94
CA ARG B 13 -1.81 4.96 2.90
C ARG B 13 -0.82 4.57 1.79
N LEU B 14 -0.81 3.29 1.41
CA LEU B 14 0.10 2.77 0.40
C LEU B 14 -0.65 2.32 -0.85
N PHE B 15 0.03 2.36 -2.01
CA PHE B 15 -0.49 1.83 -3.27
C PHE B 15 0.32 0.56 -3.53
N VAL B 16 -0.34 -0.48 -4.04
CA VAL B 16 0.33 -1.72 -4.40
C VAL B 16 -0.18 -2.25 -5.72
N ARG B 17 0.75 -2.53 -6.64
CA ARG B 17 0.43 -2.93 -8.00
C ARG B 17 1.71 -3.35 -8.73
N PRO B 18 1.61 -4.13 -9.81
CA PRO B 18 0.38 -4.72 -10.32
C PRO B 18 -0.06 -5.88 -9.42
N PHE B 19 -1.36 -6.19 -9.44
CA PHE B 19 -1.90 -7.37 -8.80
C PHE B 19 -2.64 -8.31 -9.74
N PRO B 20 -2.73 -9.60 -9.38
CA PRO B 20 -3.54 -10.56 -10.08
C PRO B 20 -5.01 -10.28 -9.76
N LEU B 21 -5.92 -10.90 -10.50
CA LEU B 21 -7.35 -10.73 -10.24
C LEU B 21 -7.84 -11.73 -9.18
N ASP B 22 -6.94 -12.13 -8.28
CA ASP B 22 -7.26 -13.12 -7.25
C ASP B 22 -6.44 -12.86 -5.97
N VAL B 23 -5.83 -11.67 -5.85
CA VAL B 23 -5.11 -11.29 -4.62
C VAL B 23 -6.15 -11.14 -3.50
N GLN B 24 -5.70 -11.33 -2.26
CA GLN B 24 -6.57 -11.27 -1.09
C GLN B 24 -5.90 -10.46 0.01
N GLU B 25 -6.70 -9.85 0.90
CA GLU B 25 -6.15 -9.02 1.96
C GLU B 25 -5.31 -9.89 2.90
N SER B 26 -5.58 -11.19 2.94
CA SER B 26 -4.83 -12.12 3.79
C SER B 26 -3.41 -12.27 3.28
N GLU B 27 -3.18 -12.05 1.98
CA GLU B 27 -1.84 -12.10 1.43
C GLU B 27 -1.04 -10.86 1.86
N LEU B 28 -1.66 -9.68 1.74
CA LEU B 28 -0.99 -8.44 2.05
C LEU B 28 -0.78 -8.30 3.55
N ASN B 29 -1.67 -8.86 4.36
CA ASN B 29 -1.52 -8.78 5.80
C ASN B 29 -0.26 -9.52 6.27
N GLU B 30 0.17 -10.54 5.53
CA GLU B 30 1.36 -11.30 5.88
C GLU B 30 2.62 -10.61 5.33
N ILE B 31 2.49 -9.87 4.23
CA ILE B 31 3.62 -9.18 3.61
C ILE B 31 3.90 -7.85 4.31
N PHE B 32 2.86 -7.03 4.48
CA PHE B 32 2.99 -5.71 5.06
C PHE B 32 2.90 -5.72 6.59
N GLY B 33 2.30 -6.77 7.17
CA GLY B 33 2.07 -6.85 8.61
C GLY B 33 3.38 -6.76 9.43
N PRO B 34 4.43 -7.49 9.04
CA PRO B 34 5.73 -7.49 9.71
C PRO B 34 6.42 -6.13 9.74
N PHE B 35 5.75 -5.06 9.30
CA PHE B 35 6.36 -3.74 9.22
C PHE B 35 5.75 -2.75 10.21
N GLY B 36 4.71 -3.19 10.93
CA GLY B 36 4.09 -2.38 11.97
C GLY B 36 2.59 -2.62 12.02
N PRO B 37 1.91 -1.99 12.98
CA PRO B 37 0.47 -2.09 13.14
C PRO B 37 -0.25 -1.49 11.93
N MET B 38 -1.09 -2.30 11.27
CA MET B 38 -1.83 -1.86 10.11
C MET B 38 -3.12 -1.18 10.53
N LYS B 39 -3.61 -0.25 9.71
CA LYS B 39 -4.82 0.52 10.00
C LYS B 39 -5.98 0.04 9.15
N GLU B 40 -5.73 -0.26 7.87
CA GLU B 40 -6.78 -0.63 6.94
C GLU B 40 -6.20 -1.38 5.74
N VAL B 41 -6.98 -2.27 5.15
CA VAL B 41 -6.61 -2.95 3.92
C VAL B 41 -7.81 -3.07 2.99
N LYS B 42 -7.62 -2.78 1.71
CA LYS B 42 -8.66 -2.92 0.71
C LYS B 42 -8.03 -3.42 -0.59
N ILE B 43 -8.55 -4.53 -1.10
CA ILE B 43 -8.10 -5.10 -2.37
C ILE B 43 -9.07 -4.72 -3.48
N LEU B 44 -8.53 -4.43 -4.67
CA LEU B 44 -9.31 -3.96 -5.81
C LEU B 44 -8.74 -4.55 -7.10
N ASN B 45 -9.43 -4.31 -8.21
CA ASN B 45 -9.03 -4.84 -9.50
C ASN B 45 -7.77 -4.13 -10.01
N GLY B 46 -6.61 -4.75 -9.79
CA GLY B 46 -5.34 -4.28 -10.32
C GLY B 46 -4.51 -3.61 -9.23
N PHE B 47 -5.08 -3.38 -8.06
CA PHE B 47 -4.35 -2.76 -6.96
C PHE B 47 -4.98 -2.98 -5.59
N ALA B 48 -4.28 -2.57 -4.53
CA ALA B 48 -4.81 -2.57 -3.19
C ALA B 48 -4.27 -1.37 -2.44
N PHE B 49 -4.98 -0.97 -1.39
CA PHE B 49 -4.53 0.12 -0.54
C PHE B 49 -4.32 -0.39 0.88
N VAL B 50 -3.10 -0.20 1.39
CA VAL B 50 -2.73 -0.66 2.72
C VAL B 50 -2.35 0.55 3.56
N GLU B 51 -3.14 0.81 4.60
CA GLU B 51 -2.85 1.92 5.50
C GLU B 51 -2.20 1.40 6.78
N PHE B 52 -1.28 2.19 7.34
CA PHE B 52 -0.67 1.89 8.63
C PHE B 52 -1.15 2.80 9.75
N GLU B 53 -1.00 2.34 10.99
CA GLU B 53 -1.32 3.16 12.16
C GLU B 53 -0.20 4.17 12.38
N GLU B 54 0.95 3.95 11.75
CA GLU B 54 2.13 4.78 11.91
C GLU B 54 2.76 5.09 10.55
N ALA B 55 3.27 6.31 10.41
CA ALA B 55 3.88 6.76 9.16
C ALA B 55 5.20 6.04 8.90
N GLU B 56 5.95 5.74 9.98
CA GLU B 56 7.23 5.07 9.85
C GLU B 56 7.05 3.62 9.41
N SER B 57 5.91 3.02 9.78
CA SER B 57 5.62 1.65 9.45
C SER B 57 5.32 1.51 7.96
N ALA B 58 4.54 2.45 7.41
CA ALA B 58 4.22 2.46 5.99
C ALA B 58 5.46 2.83 5.17
N ALA B 59 6.25 3.78 5.67
CA ALA B 59 7.46 4.19 4.98
C ALA B 59 8.47 3.05 4.90
N LYS B 60 8.49 2.18 5.91
CA LYS B 60 9.38 1.02 5.91
C LYS B 60 8.85 -0.05 4.96
N ALA B 61 7.54 -0.31 4.99
CA ALA B 61 6.94 -1.31 4.14
C ALA B 61 7.12 -0.95 2.67
N ILE B 62 7.31 0.33 2.34
CA ILE B 62 7.64 0.71 0.98
C ILE B 62 9.07 0.31 0.68
N GLU B 63 9.98 0.67 1.59
CA GLU B 63 11.40 0.43 1.39
C GLU B 63 11.75 -1.06 1.51
N GLU B 64 10.76 -1.91 1.82
CA GLU B 64 11.01 -3.34 1.98
C GLU B 64 10.15 -4.20 1.07
N VAL B 65 8.90 -3.80 0.81
CA VAL B 65 8.00 -4.59 -0.04
C VAL B 65 8.06 -4.13 -1.49
N HIS B 66 8.54 -2.90 -1.74
CA HIS B 66 8.66 -2.42 -3.10
C HIS B 66 9.62 -3.31 -3.87
N GLY B 67 9.10 -4.01 -4.88
CA GLY B 67 9.91 -4.85 -5.73
C GLY B 67 9.88 -6.32 -5.28
N LYS B 68 8.93 -6.68 -4.41
CA LYS B 68 8.82 -8.05 -3.92
C LYS B 68 8.04 -8.91 -4.91
N SER B 69 8.23 -10.23 -4.85
CA SER B 69 7.54 -11.14 -5.75
C SER B 69 6.09 -11.36 -5.32
N PHE B 70 5.20 -11.42 -6.32
CA PHE B 70 3.78 -11.69 -6.09
C PHE B 70 3.26 -12.08 -7.47
N ALA B 71 2.46 -13.15 -7.56
CA ALA B 71 1.93 -13.61 -8.84
C ALA B 71 3.04 -13.77 -9.88
N ASN B 72 4.19 -14.31 -9.45
CA ASN B 72 5.31 -14.59 -10.33
C ASN B 72 5.91 -13.34 -11.00
N GLN B 73 5.77 -12.17 -10.38
CA GLN B 73 6.33 -10.93 -10.91
C GLN B 73 6.56 -9.93 -9.78
N PRO B 74 7.55 -9.03 -9.93
CA PRO B 74 7.86 -8.03 -8.93
C PRO B 74 6.79 -6.96 -8.91
N LEU B 75 6.21 -6.71 -7.73
CA LEU B 75 5.24 -5.64 -7.54
C LEU B 75 5.94 -4.37 -7.06
N GLU B 76 5.18 -3.26 -7.01
CA GLU B 76 5.68 -1.97 -6.55
C GLU B 76 4.88 -1.48 -5.35
N VAL B 77 5.54 -0.71 -4.49
CA VAL B 77 4.92 -0.12 -3.33
C VAL B 77 5.37 1.33 -3.20
N VAL B 78 4.40 2.24 -3.04
CA VAL B 78 4.66 3.67 -2.92
C VAL B 78 3.50 4.27 -2.15
N TYR B 79 3.54 5.58 -1.87
CA TYR B 79 2.45 6.25 -1.19
C TYR B 79 1.22 6.31 -2.09
N SER B 80 0.03 6.34 -1.46
CA SER B 80 -1.22 6.49 -2.18
C SER B 80 -2.00 7.68 -1.62
N LYS B 81 -3.09 8.02 -2.30
CA LYS B 81 -3.88 9.22 -2.00
C LYS B 81 -4.31 9.23 -0.53
N LEU B 82 -4.37 10.45 0.03
CA LEU B 82 -4.62 10.64 1.45
C LEU B 82 -6.07 10.29 1.82
N PRO B 83 -6.27 9.40 2.80
CA PRO B 83 -7.59 8.96 3.24
C PRO B 83 -8.37 10.11 3.87
N ALA B 84 -9.67 10.14 3.57
CA ALA B 84 -10.60 11.08 4.17
C ALA B 84 -10.15 12.53 3.98
N LYS B 85 -9.42 12.81 2.90
CA LYS B 85 -8.87 14.14 2.63
C LYS B 85 -9.98 15.18 2.43
N ARG B 86 -11.23 14.73 2.31
CA ARG B 86 -12.38 15.61 2.14
C ARG B 86 -12.71 16.32 3.46
N TYR B 87 -12.23 15.77 4.59
CA TYR B 87 -12.51 16.33 5.90
C TYR B 87 -11.32 16.32 6.86
N ARG B 88 -10.19 15.77 6.43
CA ARG B 88 -8.97 15.72 7.23
C ARG B 88 -8.41 17.11 7.46
N MET B 1 5.17 24.50 -11.45
CA MET B 1 4.78 23.30 -12.23
C MET B 1 5.55 22.07 -11.76
N HIS B 2 5.05 20.88 -12.10
CA HIS B 2 5.68 19.62 -11.73
C HIS B 2 5.32 18.52 -12.73
N HIS B 3 6.06 17.41 -12.68
CA HIS B 3 5.85 16.28 -13.59
C HIS B 3 4.75 15.35 -13.07
N ARG B 4 4.24 15.61 -11.86
CA ARG B 4 3.21 14.78 -11.25
C ARG B 4 1.85 15.00 -11.90
N GLN B 5 0.89 14.15 -11.55
CA GLN B 5 -0.48 14.29 -12.02
C GLN B 5 -1.46 13.83 -10.94
N GLU B 6 -0.94 13.18 -9.88
CA GLU B 6 -1.76 12.64 -8.80
C GLU B 6 -1.98 13.71 -7.72
N GLY B 7 -2.98 13.50 -6.88
CA GLY B 7 -3.29 14.40 -5.78
C GLY B 7 -2.29 14.24 -4.64
N GLU B 8 -2.69 14.64 -3.43
CA GLU B 8 -1.85 14.52 -2.25
C GLU B 8 -1.82 13.06 -1.78
N LEU B 9 -0.62 12.51 -1.55
CA LEU B 9 -0.46 11.18 -1.02
C LEU B 9 -0.25 11.23 0.49
N SER B 10 -0.58 10.12 1.18
CA SER B 10 -0.39 10.00 2.62
C SER B 10 0.85 9.16 2.91
N ASN B 11 1.48 9.38 4.07
CA ASN B 11 2.63 8.59 4.47
C ASN B 11 2.18 7.22 4.97
N THR B 12 0.91 7.06 5.34
CA THR B 12 0.41 5.81 5.89
C THR B 12 -0.32 5.01 4.81
N ARG B 13 -1.06 5.67 3.92
CA ARG B 13 -1.82 4.98 2.87
C ARG B 13 -0.83 4.56 1.77
N LEU B 14 -0.81 3.27 1.43
CA LEU B 14 0.09 2.72 0.41
C LEU B 14 -0.67 2.29 -0.84
N PHE B 15 0.03 2.26 -1.98
CA PHE B 15 -0.51 1.74 -3.23
C PHE B 15 0.28 0.46 -3.50
N VAL B 16 -0.39 -0.56 -4.03
CA VAL B 16 0.26 -1.81 -4.42
C VAL B 16 -0.20 -2.27 -5.79
N ARG B 17 0.76 -2.51 -6.69
CA ARG B 17 0.48 -2.84 -8.09
C ARG B 17 1.76 -3.31 -8.78
N PRO B 18 1.68 -4.12 -9.85
CA PRO B 18 0.45 -4.72 -10.38
C PRO B 18 -0.05 -5.83 -9.46
N PHE B 19 -1.37 -5.94 -9.34
CA PHE B 19 -2.02 -7.02 -8.60
C PHE B 19 -2.80 -7.99 -9.48
N PRO B 20 -2.80 -9.28 -9.13
CA PRO B 20 -3.54 -10.31 -9.83
C PRO B 20 -5.04 -10.13 -9.55
N LEU B 21 -5.88 -10.91 -10.23
CA LEU B 21 -7.33 -10.86 -10.05
C LEU B 21 -7.81 -11.90 -9.04
N ASP B 22 -6.91 -12.34 -8.15
CA ASP B 22 -7.23 -13.36 -7.16
C ASP B 22 -6.50 -13.07 -5.84
N VAL B 23 -5.99 -11.84 -5.68
CA VAL B 23 -5.33 -11.41 -4.45
C VAL B 23 -6.37 -11.27 -3.35
N GLN B 24 -5.94 -11.38 -2.09
CA GLN B 24 -6.81 -11.30 -0.94
C GLN B 24 -6.15 -10.46 0.14
N GLU B 25 -6.96 -9.84 1.01
CA GLU B 25 -6.45 -9.03 2.10
C GLU B 25 -5.56 -9.86 3.02
N SER B 26 -5.82 -11.17 3.11
CA SER B 26 -5.04 -12.04 3.97
C SER B 26 -3.61 -12.19 3.47
N GLU B 27 -3.38 -12.00 2.16
CA GLU B 27 -2.05 -12.10 1.60
C GLU B 27 -1.22 -10.88 1.99
N LEU B 28 -1.82 -9.68 1.89
CA LEU B 28 -1.12 -8.45 2.18
C LEU B 28 -0.81 -8.34 3.66
N ASN B 29 -1.64 -8.94 4.52
CA ASN B 29 -1.39 -8.88 5.95
C ASN B 29 -0.12 -9.64 6.32
N GLU B 30 0.24 -10.65 5.52
CA GLU B 30 1.46 -11.42 5.77
C GLU B 30 2.69 -10.71 5.20
N ILE B 31 2.51 -9.93 4.13
CA ILE B 31 3.61 -9.21 3.50
C ILE B 31 3.90 -7.91 4.23
N PHE B 32 2.86 -7.08 4.44
CA PHE B 32 3.02 -5.77 5.01
C PHE B 32 2.93 -5.77 6.55
N GLY B 33 2.35 -6.81 7.13
CA GLY B 33 2.15 -6.89 8.57
C GLY B 33 3.44 -6.82 9.38
N PRO B 34 4.50 -7.53 8.97
CA PRO B 34 5.81 -7.54 9.62
C PRO B 34 6.50 -6.16 9.63
N PHE B 35 5.79 -5.10 9.28
CA PHE B 35 6.36 -3.76 9.19
C PHE B 35 5.73 -2.78 10.18
N GLY B 36 4.72 -3.24 10.92
CA GLY B 36 4.06 -2.43 11.93
C GLY B 36 2.56 -2.72 11.98
N PRO B 37 1.86 -2.12 12.95
CA PRO B 37 0.43 -2.28 13.09
C PRO B 37 -0.29 -1.63 11.91
N MET B 38 -1.12 -2.43 11.22
CA MET B 38 -1.85 -1.97 10.06
C MET B 38 -3.19 -1.35 10.49
N LYS B 39 -3.64 -0.35 9.73
CA LYS B 39 -4.84 0.39 10.06
C LYS B 39 -6.02 0.00 9.18
N GLU B 40 -5.77 -0.31 7.90
CA GLU B 40 -6.83 -0.65 6.97
C GLU B 40 -6.25 -1.35 5.74
N VAL B 41 -7.06 -2.23 5.14
CA VAL B 41 -6.71 -2.88 3.88
C VAL B 41 -7.93 -2.98 2.98
N LYS B 42 -7.74 -2.71 1.69
CA LYS B 42 -8.79 -2.84 0.70
C LYS B 42 -8.18 -3.35 -0.60
N ILE B 43 -8.72 -4.46 -1.10
CA ILE B 43 -8.29 -5.07 -2.34
C ILE B 43 -9.22 -4.68 -3.48
N LEU B 44 -8.65 -4.39 -4.66
CA LEU B 44 -9.41 -3.93 -5.81
C LEU B 44 -8.84 -4.54 -7.09
N ASN B 45 -9.51 -4.29 -8.20
CA ASN B 45 -9.07 -4.80 -9.48
C ASN B 45 -7.81 -4.07 -9.93
N GLY B 46 -6.68 -4.79 -9.92
CA GLY B 46 -5.41 -4.29 -10.41
C GLY B 46 -4.56 -3.67 -9.31
N PHE B 47 -5.13 -3.48 -8.11
CA PHE B 47 -4.39 -2.88 -7.00
C PHE B 47 -5.03 -3.08 -5.64
N ALA B 48 -4.34 -2.66 -4.59
CA ALA B 48 -4.88 -2.66 -3.25
C ALA B 48 -4.31 -1.48 -2.47
N PHE B 49 -5.01 -1.05 -1.43
CA PHE B 49 -4.54 0.01 -0.56
C PHE B 49 -4.33 -0.51 0.85
N VAL B 50 -3.20 -0.14 1.44
CA VAL B 50 -2.84 -0.59 2.77
C VAL B 50 -2.44 0.61 3.60
N GLU B 51 -3.21 0.90 4.64
CA GLU B 51 -2.89 2.00 5.54
C GLU B 51 -2.26 1.44 6.83
N PHE B 52 -1.28 2.16 7.37
CA PHE B 52 -0.68 1.84 8.65
C PHE B 52 -1.12 2.74 9.79
N GLU B 53 -0.99 2.26 11.02
CA GLU B 53 -1.29 3.08 12.19
C GLU B 53 -0.15 4.08 12.44
N GLU B 54 0.99 3.89 11.77
CA GLU B 54 2.13 4.77 11.91
C GLU B 54 2.78 5.04 10.54
N ALA B 55 3.25 6.26 10.34
CA ALA B 55 3.85 6.68 9.09
C ALA B 55 5.19 5.98 8.87
N GLU B 56 5.92 5.70 9.96
CA GLU B 56 7.21 5.04 9.87
C GLU B 56 7.05 3.59 9.44
N SER B 57 5.91 2.98 9.76
CA SER B 57 5.63 1.61 9.42
C SER B 57 5.34 1.48 7.93
N ALA B 58 4.56 2.42 7.38
CA ALA B 58 4.23 2.43 5.98
C ALA B 58 5.47 2.81 5.15
N ALA B 59 6.26 3.75 5.64
CA ALA B 59 7.47 4.17 4.96
C ALA B 59 8.48 3.03 4.88
N LYS B 60 8.50 2.15 5.89
CA LYS B 60 9.38 0.99 5.90
C LYS B 60 8.87 -0.08 4.95
N ALA B 61 7.56 -0.34 4.98
CA ALA B 61 6.97 -1.36 4.13
C ALA B 61 7.17 -1.01 2.66
N ILE B 62 7.34 0.27 2.33
CA ILE B 62 7.67 0.65 0.96
C ILE B 62 9.11 0.26 0.67
N GLU B 63 10.04 0.66 1.54
CA GLU B 63 11.46 0.44 1.36
C GLU B 63 11.82 -1.05 1.49
N GLU B 64 10.84 -1.90 1.83
CA GLU B 64 11.11 -3.32 2.02
C GLU B 64 10.28 -4.21 1.11
N VAL B 65 9.03 -3.82 0.81
CA VAL B 65 8.15 -4.62 -0.05
C VAL B 65 8.21 -4.16 -1.50
N HIS B 66 8.62 -2.92 -1.75
CA HIS B 66 8.72 -2.43 -3.10
C HIS B 66 9.69 -3.29 -3.89
N GLY B 67 9.17 -3.98 -4.91
CA GLY B 67 10.00 -4.80 -5.79
C GLY B 67 10.00 -6.26 -5.37
N LYS B 68 9.07 -6.66 -4.50
CA LYS B 68 8.98 -8.05 -4.05
C LYS B 68 8.13 -8.85 -5.02
N SER B 69 8.36 -10.15 -5.13
CA SER B 69 7.53 -10.97 -6.00
C SER B 69 6.16 -11.16 -5.35
N PHE B 70 5.10 -11.21 -6.17
CA PHE B 70 3.75 -11.38 -5.65
C PHE B 70 2.89 -12.19 -6.59
N ALA B 71 3.16 -12.12 -7.90
CA ALA B 71 2.41 -12.83 -8.92
C ALA B 71 3.35 -13.29 -10.02
N ASN B 72 4.38 -14.04 -9.61
CA ASN B 72 5.44 -14.48 -10.52
C ASN B 72 6.19 -13.29 -11.13
N GLN B 73 6.09 -12.12 -10.48
CA GLN B 73 6.74 -10.90 -10.96
C GLN B 73 6.81 -9.90 -9.81
N PRO B 74 7.83 -9.03 -9.80
CA PRO B 74 8.02 -8.05 -8.76
C PRO B 74 6.96 -6.96 -8.84
N LEU B 75 6.30 -6.71 -7.70
CA LEU B 75 5.33 -5.63 -7.58
C LEU B 75 6.01 -4.33 -7.16
N GLU B 76 5.22 -3.27 -7.04
CA GLU B 76 5.67 -1.98 -6.56
C GLU B 76 4.88 -1.55 -5.34
N VAL B 77 5.53 -0.78 -4.47
CA VAL B 77 4.91 -0.20 -3.29
C VAL B 77 5.33 1.25 -3.17
N VAL B 78 4.36 2.15 -3.00
CA VAL B 78 4.63 3.57 -2.88
C VAL B 78 3.46 4.19 -2.11
N TYR B 79 3.51 5.50 -1.85
CA TYR B 79 2.43 6.17 -1.18
C TYR B 79 1.20 6.26 -2.08
N SER B 80 0.02 6.29 -1.47
CA SER B 80 -1.23 6.43 -2.19
C SER B 80 -1.99 7.64 -1.68
N LYS B 81 -3.07 8.00 -2.38
CA LYS B 81 -3.84 9.20 -2.11
C LYS B 81 -4.29 9.31 -0.67
N LEU B 82 -4.34 10.55 -0.17
CA LEU B 82 -4.60 10.84 1.24
C LEU B 82 -6.06 10.50 1.61
N PRO B 83 -6.25 9.63 2.60
CA PRO B 83 -7.57 9.22 3.06
C PRO B 83 -8.33 10.36 3.72
N ALA B 84 -9.63 10.41 3.47
CA ALA B 84 -10.55 11.30 4.17
C ALA B 84 -10.14 12.77 4.08
N LYS B 85 -9.42 13.15 3.02
CA LYS B 85 -9.04 14.55 2.81
C LYS B 85 -10.25 15.37 2.35
N ARG B 86 -11.34 14.69 1.97
CA ARG B 86 -12.56 15.35 1.50
C ARG B 86 -13.30 16.00 2.67
N TYR B 87 -14.27 16.85 2.34
CA TYR B 87 -15.10 17.52 3.34
C TYR B 87 -16.56 17.70 2.92
N ARG B 88 -16.83 17.61 1.61
CA ARG B 88 -18.17 17.71 1.07
C ARG B 88 -18.96 16.44 1.37
N MET B 1 0.55 27.57 -6.78
CA MET B 1 1.78 26.82 -7.14
C MET B 1 1.42 25.54 -7.89
N HIS B 2 2.39 24.96 -8.60
CA HIS B 2 2.18 23.74 -9.35
C HIS B 2 1.99 22.55 -8.41
N HIS B 3 1.32 21.50 -8.90
CA HIS B 3 1.04 20.31 -8.10
C HIS B 3 0.83 19.10 -9.02
N ARG B 4 0.96 17.90 -8.47
CA ARG B 4 0.79 16.66 -9.21
C ARG B 4 -0.69 16.43 -9.52
N GLN B 5 -0.97 15.73 -10.61
CA GLN B 5 -2.34 15.37 -10.96
C GLN B 5 -2.89 14.31 -10.00
N GLU B 6 -1.98 13.56 -9.35
CA GLU B 6 -2.36 12.53 -8.39
C GLU B 6 -2.71 13.14 -7.04
N GLY B 7 -2.38 14.42 -6.84
CA GLY B 7 -2.64 15.11 -5.59
C GLY B 7 -1.67 14.66 -4.49
N GLU B 8 -2.00 15.01 -3.24
CA GLU B 8 -1.20 14.64 -2.08
C GLU B 8 -1.37 13.15 -1.77
N LEU B 9 -0.32 12.54 -1.21
CA LEU B 9 -0.35 11.15 -0.79
C LEU B 9 -0.04 11.06 0.70
N SER B 10 -0.71 10.13 1.40
CA SER B 10 -0.48 9.93 2.82
C SER B 10 0.76 9.08 3.05
N ASN B 11 1.46 9.34 4.16
CA ASN B 11 2.64 8.56 4.51
C ASN B 11 2.22 7.16 4.98
N THR B 12 0.94 6.97 5.30
CA THR B 12 0.43 5.68 5.78
C THR B 12 -0.33 4.89 4.73
N ARG B 13 -1.06 5.55 3.83
CA ARG B 13 -1.84 4.88 2.80
C ARG B 13 -0.91 4.48 1.66
N LEU B 14 -0.72 3.17 1.46
CA LEU B 14 0.18 2.65 0.43
C LEU B 14 -0.58 2.24 -0.83
N PHE B 15 0.11 2.28 -1.98
CA PHE B 15 -0.41 1.77 -3.25
C PHE B 15 0.37 0.48 -3.50
N VAL B 16 -0.31 -0.55 -4.01
CA VAL B 16 0.35 -1.80 -4.41
C VAL B 16 -0.12 -2.29 -5.76
N ARG B 17 0.84 -2.59 -6.65
CA ARG B 17 0.56 -2.97 -8.03
C ARG B 17 1.83 -3.47 -8.71
N PRO B 18 1.73 -4.25 -9.80
CA PRO B 18 0.49 -4.77 -10.36
C PRO B 18 -0.03 -5.94 -9.53
N PHE B 19 -1.36 -6.03 -9.38
CA PHE B 19 -2.01 -7.13 -8.68
C PHE B 19 -2.79 -8.07 -9.60
N PRO B 20 -2.89 -9.36 -9.22
CA PRO B 20 -3.67 -10.36 -9.90
C PRO B 20 -5.15 -10.15 -9.61
N LEU B 21 -6.02 -10.93 -10.26
CA LEU B 21 -7.46 -10.85 -10.06
C LEU B 21 -7.92 -11.81 -8.96
N ASP B 22 -6.99 -12.27 -8.10
CA ASP B 22 -7.28 -13.26 -7.09
C ASP B 22 -6.48 -13.00 -5.80
N VAL B 23 -5.96 -11.77 -5.66
CA VAL B 23 -5.26 -11.36 -4.45
C VAL B 23 -6.28 -11.22 -3.32
N GLN B 24 -5.83 -11.35 -2.07
CA GLN B 24 -6.68 -11.27 -0.89
C GLN B 24 -5.99 -10.41 0.17
N GLU B 25 -6.78 -9.79 1.06
CA GLU B 25 -6.22 -8.94 2.09
C GLU B 25 -5.34 -9.75 3.04
N SER B 26 -5.58 -11.07 3.12
CA SER B 26 -4.79 -11.94 3.98
C SER B 26 -3.38 -12.09 3.43
N GLU B 27 -3.21 -11.99 2.10
CA GLU B 27 -1.90 -12.07 1.49
C GLU B 27 -1.09 -10.83 1.88
N LEU B 28 -1.72 -9.66 1.82
CA LEU B 28 -1.04 -8.41 2.14
C LEU B 28 -0.80 -8.31 3.64
N ASN B 29 -1.65 -8.91 4.46
CA ASN B 29 -1.44 -8.88 5.90
C ASN B 29 -0.17 -9.65 6.28
N GLU B 30 0.19 -10.66 5.49
CA GLU B 30 1.41 -11.42 5.72
C GLU B 30 2.65 -10.70 5.19
N ILE B 31 2.47 -9.91 4.13
CA ILE B 31 3.59 -9.18 3.52
C ILE B 31 3.88 -7.88 4.28
N PHE B 32 2.85 -7.05 4.47
CA PHE B 32 2.99 -5.73 5.06
C PHE B 32 2.87 -5.75 6.59
N GLY B 33 2.28 -6.82 7.16
CA GLY B 33 2.05 -6.90 8.60
C GLY B 33 3.33 -6.83 9.42
N PRO B 34 4.40 -7.54 9.03
CA PRO B 34 5.69 -7.55 9.71
C PRO B 34 6.39 -6.18 9.73
N PHE B 35 5.70 -5.10 9.35
CA PHE B 35 6.29 -3.78 9.28
C PHE B 35 5.66 -2.78 10.24
N GLY B 36 4.60 -3.19 10.93
CA GLY B 36 3.96 -2.36 11.93
C GLY B 36 2.45 -2.61 11.98
N PRO B 37 1.76 -1.95 12.92
CA PRO B 37 0.32 -2.06 13.08
C PRO B 37 -0.39 -1.44 11.87
N MET B 38 -1.26 -2.22 11.23
CA MET B 38 -1.97 -1.79 10.03
C MET B 38 -3.30 -1.14 10.43
N LYS B 39 -3.70 -0.11 9.67
CA LYS B 39 -4.93 0.64 9.94
C LYS B 39 -6.11 0.06 9.15
N GLU B 40 -5.87 -0.24 7.86
CA GLU B 40 -6.92 -0.65 6.95
C GLU B 40 -6.31 -1.34 5.74
N VAL B 41 -7.06 -2.27 5.14
CA VAL B 41 -6.67 -2.92 3.89
C VAL B 41 -7.86 -3.04 2.97
N LYS B 42 -7.67 -2.68 1.70
CA LYS B 42 -8.70 -2.82 0.69
C LYS B 42 -8.07 -3.36 -0.59
N ILE B 43 -8.61 -4.47 -1.08
CA ILE B 43 -8.17 -5.09 -2.32
C ILE B 43 -9.12 -4.71 -3.45
N LEU B 44 -8.57 -4.47 -4.64
CA LEU B 44 -9.32 -4.03 -5.81
C LEU B 44 -8.82 -4.75 -7.05
N ASN B 45 -9.56 -4.64 -8.14
CA ASN B 45 -9.36 -5.43 -9.35
C ASN B 45 -7.89 -5.50 -9.79
N GLY B 46 -7.16 -4.37 -9.79
CA GLY B 46 -5.79 -4.36 -10.30
C GLY B 46 -4.80 -3.81 -9.28
N PHE B 47 -5.27 -3.54 -8.06
CA PHE B 47 -4.43 -2.96 -7.02
C PHE B 47 -5.03 -3.11 -5.63
N ALA B 48 -4.30 -2.66 -4.61
CA ALA B 48 -4.79 -2.66 -3.25
C ALA B 48 -4.24 -1.45 -2.51
N PHE B 49 -4.90 -1.05 -1.43
CA PHE B 49 -4.44 0.03 -0.59
C PHE B 49 -4.27 -0.46 0.83
N VAL B 50 -3.08 -0.24 1.40
CA VAL B 50 -2.75 -0.69 2.73
C VAL B 50 -2.38 0.51 3.56
N GLU B 51 -3.19 0.81 4.57
CA GLU B 51 -2.93 1.94 5.45
C GLU B 51 -2.26 1.44 6.73
N PHE B 52 -1.35 2.24 7.27
CA PHE B 52 -0.74 1.97 8.57
C PHE B 52 -1.20 2.89 9.68
N GLU B 53 -1.03 2.46 10.93
CA GLU B 53 -1.33 3.30 12.08
C GLU B 53 -0.18 4.27 12.35
N GLU B 54 0.96 4.07 11.68
CA GLU B 54 2.13 4.92 11.84
C GLU B 54 2.81 5.15 10.48
N ALA B 55 3.35 6.36 10.29
CA ALA B 55 4.01 6.73 9.06
C ALA B 55 5.33 5.98 8.90
N GLU B 56 6.01 5.69 10.01
CA GLU B 56 7.28 4.99 9.98
C GLU B 56 7.07 3.54 9.56
N SER B 57 5.89 2.98 9.84
CA SER B 57 5.57 1.60 9.52
C SER B 57 5.32 1.46 8.02
N ALA B 58 4.59 2.41 7.44
CA ALA B 58 4.29 2.39 6.02
C ALA B 58 5.53 2.76 5.21
N ALA B 59 6.32 3.72 5.71
CA ALA B 59 7.54 4.15 5.03
C ALA B 59 8.55 3.00 4.97
N LYS B 60 8.55 2.13 5.99
CA LYS B 60 9.42 0.95 6.00
C LYS B 60 8.89 -0.11 5.04
N ALA B 61 7.58 -0.36 5.07
CA ALA B 61 6.98 -1.36 4.20
C ALA B 61 7.19 -1.00 2.73
N ILE B 62 7.38 0.28 2.41
CA ILE B 62 7.72 0.65 1.05
C ILE B 62 9.17 0.27 0.77
N GLU B 63 10.07 0.65 1.66
CA GLU B 63 11.50 0.42 1.49
C GLU B 63 11.84 -1.06 1.62
N GLU B 64 10.86 -1.92 1.92
CA GLU B 64 11.12 -3.34 2.09
C GLU B 64 10.27 -4.21 1.17
N VAL B 65 9.01 -3.83 0.91
CA VAL B 65 8.15 -4.62 0.05
C VAL B 65 8.23 -4.17 -1.41
N HIS B 66 8.67 -2.93 -1.66
CA HIS B 66 8.79 -2.45 -3.02
C HIS B 66 9.77 -3.34 -3.79
N GLY B 67 9.26 -4.05 -4.79
CA GLY B 67 10.08 -4.89 -5.65
C GLY B 67 10.01 -6.36 -5.26
N LYS B 68 9.10 -6.74 -4.36
CA LYS B 68 8.95 -8.12 -3.93
C LYS B 68 8.18 -8.92 -4.98
N SER B 69 8.28 -10.25 -4.94
CA SER B 69 7.55 -11.09 -5.89
C SER B 69 6.08 -11.20 -5.51
N PHE B 70 5.19 -11.10 -6.51
CA PHE B 70 3.76 -11.27 -6.32
C PHE B 70 3.24 -11.55 -7.73
N ALA B 71 2.34 -12.52 -7.88
CA ALA B 71 1.79 -12.88 -9.18
C ALA B 71 2.90 -13.15 -10.20
N ASN B 72 3.97 -13.83 -9.77
CA ASN B 72 5.08 -14.22 -10.64
C ASN B 72 5.83 -13.03 -11.24
N GLN B 73 5.81 -11.88 -10.57
CA GLN B 73 6.54 -10.70 -11.04
C GLN B 73 6.79 -9.74 -9.87
N PRO B 74 7.84 -8.91 -9.97
CA PRO B 74 8.18 -7.94 -8.95
C PRO B 74 7.12 -6.84 -8.91
N LEU B 75 6.49 -6.63 -7.74
CA LEU B 75 5.51 -5.58 -7.57
C LEU B 75 6.16 -4.28 -7.13
N GLU B 76 5.37 -3.22 -6.99
CA GLU B 76 5.82 -1.93 -6.52
C GLU B 76 4.99 -1.49 -5.32
N VAL B 77 5.63 -0.75 -4.42
CA VAL B 77 4.99 -0.18 -3.25
C VAL B 77 5.42 1.26 -3.10
N VAL B 78 4.44 2.17 -2.96
CA VAL B 78 4.72 3.60 -2.83
C VAL B 78 3.54 4.22 -2.07
N TYR B 79 3.59 5.53 -1.83
CA TYR B 79 2.50 6.21 -1.18
C TYR B 79 1.30 6.32 -2.12
N SER B 80 0.11 6.52 -1.55
CA SER B 80 -1.13 6.61 -2.29
C SER B 80 -1.98 7.75 -1.76
N LYS B 81 -3.06 8.06 -2.47
CA LYS B 81 -3.91 9.22 -2.17
C LYS B 81 -4.34 9.24 -0.71
N LEU B 82 -4.50 10.44 -0.18
CA LEU B 82 -4.71 10.68 1.24
C LEU B 82 -6.13 10.24 1.68
N PRO B 83 -6.23 9.35 2.67
CA PRO B 83 -7.49 8.83 3.18
C PRO B 83 -8.32 9.89 3.86
N ALA B 84 -9.55 9.52 4.20
CA ALA B 84 -10.49 10.37 4.91
C ALA B 84 -10.84 11.63 4.12
N LYS B 85 -10.51 11.65 2.82
CA LYS B 85 -10.84 12.75 1.92
C LYS B 85 -10.83 12.23 0.49
N ARG B 86 -11.72 12.75 -0.36
CA ARG B 86 -11.78 12.38 -1.77
C ARG B 86 -12.46 13.48 -2.57
N TYR B 87 -12.10 13.61 -3.85
CA TYR B 87 -12.67 14.60 -4.74
C TYR B 87 -12.78 14.13 -6.19
N ARG B 88 -13.73 14.69 -6.95
CA ARG B 88 -13.95 14.33 -8.34
C ARG B 88 -14.59 15.49 -9.09
N MET B 1 16.38 5.78 -4.60
CA MET B 1 15.00 5.79 -5.14
C MET B 1 14.27 7.06 -4.70
N HIS B 2 13.35 7.55 -5.54
CA HIS B 2 12.59 8.76 -5.24
C HIS B 2 11.65 8.49 -4.07
N HIS B 3 11.34 9.53 -3.29
CA HIS B 3 10.53 9.40 -2.08
C HIS B 3 9.04 9.26 -2.41
N ARG B 4 8.65 9.63 -3.63
CA ARG B 4 7.27 9.53 -4.11
C ARG B 4 6.26 10.23 -3.19
N GLN B 5 6.72 11.21 -2.41
CA GLN B 5 5.84 11.97 -1.53
C GLN B 5 5.08 13.06 -2.31
N GLU B 6 5.18 13.02 -3.65
CA GLU B 6 4.51 13.99 -4.51
C GLU B 6 2.99 13.87 -4.38
N GLY B 7 2.27 14.93 -4.77
CA GLY B 7 0.82 14.94 -4.68
C GLY B 7 0.37 15.01 -3.21
N GLU B 8 -0.91 14.70 -2.97
CA GLU B 8 -1.47 14.71 -1.64
C GLU B 8 -1.26 13.37 -0.92
N LEU B 9 -0.37 12.53 -1.45
CA LEU B 9 -0.18 11.18 -0.96
C LEU B 9 0.14 11.18 0.54
N SER B 10 -0.52 10.28 1.27
CA SER B 10 -0.32 10.11 2.69
C SER B 10 0.89 9.24 2.97
N ASN B 11 1.52 9.42 4.13
CA ASN B 11 2.67 8.61 4.51
C ASN B 11 2.20 7.24 5.00
N THR B 12 0.91 7.09 5.35
CA THR B 12 0.40 5.83 5.87
C THR B 12 -0.32 5.01 4.80
N ARG B 13 -1.07 5.66 3.90
CA ARG B 13 -1.82 4.96 2.86
C ARG B 13 -0.83 4.55 1.75
N LEU B 14 -0.81 3.26 1.41
CA LEU B 14 0.09 2.72 0.40
C LEU B 14 -0.67 2.27 -0.86
N PHE B 15 0.03 2.23 -2.00
CA PHE B 15 -0.50 1.72 -3.25
C PHE B 15 0.29 0.45 -3.52
N VAL B 16 -0.37 -0.60 -4.04
CA VAL B 16 0.29 -1.83 -4.43
C VAL B 16 -0.17 -2.32 -5.80
N ARG B 17 0.78 -2.59 -6.68
CA ARG B 17 0.50 -2.98 -8.06
C ARG B 17 1.78 -3.44 -8.76
N PRO B 18 1.68 -4.24 -9.84
CA PRO B 18 0.45 -4.79 -10.37
C PRO B 18 -0.06 -5.93 -9.48
N PHE B 19 -1.38 -6.03 -9.36
CA PHE B 19 -2.04 -7.11 -8.63
C PHE B 19 -2.82 -8.08 -9.53
N PRO B 20 -2.86 -9.36 -9.15
CA PRO B 20 -3.64 -10.37 -9.83
C PRO B 20 -5.13 -10.16 -9.49
N LEU B 21 -6.01 -10.94 -10.11
CA LEU B 21 -7.45 -10.85 -9.86
C LEU B 21 -7.89 -11.91 -8.84
N ASP B 22 -6.95 -12.39 -8.02
CA ASP B 22 -7.22 -13.44 -7.04
C ASP B 22 -6.48 -13.15 -5.72
N VAL B 23 -5.97 -11.93 -5.58
CA VAL B 23 -5.30 -11.48 -4.36
C VAL B 23 -6.34 -11.31 -3.25
N GLN B 24 -5.89 -11.40 -1.99
CA GLN B 24 -6.76 -11.29 -0.83
C GLN B 24 -6.08 -10.44 0.23
N GLU B 25 -6.85 -9.80 1.10
CA GLU B 25 -6.30 -8.93 2.14
C GLU B 25 -5.41 -9.74 3.08
N SER B 26 -5.65 -11.04 3.18
CA SER B 26 -4.87 -11.91 4.04
C SER B 26 -3.45 -12.07 3.51
N GLU B 27 -3.29 -12.00 2.17
CA GLU B 27 -1.97 -12.09 1.58
C GLU B 27 -1.16 -10.86 1.93
N LEU B 28 -1.78 -9.67 1.85
CA LEU B 28 -1.11 -8.43 2.16
C LEU B 28 -0.84 -8.32 3.65
N ASN B 29 -1.71 -8.89 4.49
CA ASN B 29 -1.50 -8.84 5.92
C ASN B 29 -0.23 -9.61 6.31
N GLU B 30 0.14 -10.63 5.53
CA GLU B 30 1.35 -11.41 5.80
C GLU B 30 2.59 -10.70 5.25
N ILE B 31 2.43 -9.92 4.18
CA ILE B 31 3.55 -9.20 3.57
C ILE B 31 3.84 -7.89 4.30
N PHE B 32 2.81 -7.07 4.48
CA PHE B 32 2.97 -5.74 5.06
C PHE B 32 2.85 -5.74 6.59
N GLY B 33 2.26 -6.80 7.17
CA GLY B 33 2.04 -6.88 8.60
C GLY B 33 3.33 -6.81 9.41
N PRO B 34 4.40 -7.54 9.02
CA PRO B 34 5.68 -7.54 9.70
C PRO B 34 6.38 -6.17 9.70
N PHE B 35 5.68 -5.09 9.33
CA PHE B 35 6.27 -3.76 9.26
C PHE B 35 5.63 -2.77 10.23
N GLY B 36 4.59 -3.23 10.95
CA GLY B 36 3.94 -2.41 11.96
C GLY B 36 2.43 -2.68 11.99
N PRO B 37 1.73 -2.08 12.95
CA PRO B 37 0.30 -2.21 13.09
C PRO B 37 -0.40 -1.54 11.90
N MET B 38 -1.28 -2.30 11.24
CA MET B 38 -1.98 -1.83 10.05
C MET B 38 -3.30 -1.17 10.45
N LYS B 39 -3.69 -0.13 9.71
CA LYS B 39 -4.90 0.63 9.98
C LYS B 39 -6.07 0.08 9.17
N GLU B 40 -5.84 -0.24 7.89
CA GLU B 40 -6.89 -0.64 6.98
C GLU B 40 -6.30 -1.34 5.76
N VAL B 41 -7.07 -2.24 5.16
CA VAL B 41 -6.70 -2.89 3.91
C VAL B 41 -7.90 -3.01 2.99
N LYS B 42 -7.70 -2.73 1.71
CA LYS B 42 -8.74 -2.86 0.70
C LYS B 42 -8.13 -3.38 -0.59
N ILE B 43 -8.67 -4.49 -1.09
CA ILE B 43 -8.22 -5.10 -2.35
C ILE B 43 -9.17 -4.70 -3.47
N LEU B 44 -8.63 -4.42 -4.66
CA LEU B 44 -9.40 -3.95 -5.81
C LEU B 44 -8.85 -4.57 -7.09
N ASN B 45 -9.53 -4.32 -8.20
CA ASN B 45 -9.16 -4.90 -9.48
C ASN B 45 -7.90 -4.23 -10.02
N GLY B 46 -6.75 -4.87 -9.81
CA GLY B 46 -5.48 -4.43 -10.36
C GLY B 46 -4.60 -3.78 -9.30
N PHE B 47 -5.14 -3.54 -8.10
CA PHE B 47 -4.37 -2.93 -7.02
C PHE B 47 -5.02 -3.10 -5.65
N ALA B 48 -4.33 -2.67 -4.61
CA ALA B 48 -4.86 -2.66 -3.26
C ALA B 48 -4.29 -1.47 -2.50
N PHE B 49 -4.99 -1.05 -1.44
CA PHE B 49 -4.51 0.01 -0.58
C PHE B 49 -4.31 -0.51 0.83
N VAL B 50 -3.15 -0.18 1.41
CA VAL B 50 -2.78 -0.64 2.74
C VAL B 50 -2.39 0.56 3.56
N GLU B 51 -3.15 0.84 4.61
CA GLU B 51 -2.86 1.95 5.49
C GLU B 51 -2.22 1.44 6.78
N PHE B 52 -1.29 2.22 7.34
CA PHE B 52 -0.69 1.93 8.63
C PHE B 52 -1.15 2.85 9.76
N GLU B 53 -0.98 2.39 11.00
CA GLU B 53 -1.27 3.22 12.15
C GLU B 53 -0.12 4.18 12.42
N GLU B 54 1.03 3.97 11.75
CA GLU B 54 2.19 4.83 11.90
C GLU B 54 2.85 5.08 10.55
N ALA B 55 3.35 6.30 10.36
CA ALA B 55 3.96 6.70 9.11
C ALA B 55 5.28 5.97 8.89
N GLU B 56 6.01 5.67 9.97
CA GLU B 56 7.28 5.00 9.88
C GLU B 56 7.10 3.55 9.45
N SER B 57 5.93 2.96 9.78
CA SER B 57 5.62 1.59 9.43
C SER B 57 5.34 1.46 7.94
N ALA B 58 4.58 2.41 7.39
CA ALA B 58 4.25 2.42 5.98
C ALA B 58 5.49 2.78 5.15
N ALA B 59 6.29 3.72 5.65
CA ALA B 59 7.51 4.14 4.97
C ALA B 59 8.51 2.98 4.90
N LYS B 60 8.52 2.12 5.91
CA LYS B 60 9.40 0.95 5.93
C LYS B 60 8.86 -0.11 4.97
N ALA B 61 7.56 -0.36 5.00
CA ALA B 61 6.96 -1.38 4.15
C ALA B 61 7.16 -1.04 2.67
N ILE B 62 7.34 0.25 2.35
CA ILE B 62 7.68 0.62 0.98
C ILE B 62 9.12 0.22 0.69
N GLU B 63 10.04 0.61 1.58
CA GLU B 63 11.46 0.38 1.39
C GLU B 63 11.82 -1.10 1.53
N GLU B 64 10.83 -1.96 1.85
CA GLU B 64 11.09 -3.38 2.05
C GLU B 64 10.25 -4.26 1.13
N VAL B 65 9.01 -3.87 0.82
CA VAL B 65 8.14 -4.66 -0.03
C VAL B 65 8.19 -4.20 -1.48
N HIS B 66 8.62 -2.96 -1.73
CA HIS B 66 8.73 -2.45 -3.08
C HIS B 66 9.71 -3.33 -3.86
N GLY B 67 9.20 -4.03 -4.88
CA GLY B 67 10.03 -4.85 -5.74
C GLY B 67 10.01 -6.32 -5.33
N LYS B 68 9.07 -6.72 -4.46
CA LYS B 68 8.98 -8.10 -4.02
C LYS B 68 8.14 -8.90 -5.02
N SER B 69 8.40 -10.21 -5.14
CA SER B 69 7.63 -11.04 -6.04
C SER B 69 6.24 -11.26 -5.46
N PHE B 70 5.21 -11.28 -6.31
CA PHE B 70 3.84 -11.49 -5.81
C PHE B 70 2.98 -12.23 -6.84
N ALA B 71 3.20 -11.99 -8.13
CA ALA B 71 2.40 -12.59 -9.19
C ALA B 71 3.31 -12.96 -10.36
N ASN B 72 4.29 -13.82 -10.10
CA ASN B 72 5.31 -14.20 -11.08
C ASN B 72 6.13 -13.01 -11.54
N GLN B 73 6.09 -11.90 -10.79
CA GLN B 73 6.83 -10.69 -11.12
C GLN B 73 6.90 -9.80 -9.89
N PRO B 74 7.94 -8.94 -9.82
CA PRO B 74 8.12 -8.02 -8.72
C PRO B 74 7.08 -6.92 -8.77
N LEU B 75 6.35 -6.72 -7.67
CA LEU B 75 5.38 -5.65 -7.55
C LEU B 75 6.06 -4.36 -7.11
N GLU B 76 5.28 -3.28 -7.02
CA GLU B 76 5.75 -1.99 -6.55
C GLU B 76 4.91 -1.54 -5.35
N VAL B 77 5.55 -0.78 -4.47
CA VAL B 77 4.92 -0.21 -3.30
C VAL B 77 5.34 1.24 -3.17
N VAL B 78 4.37 2.15 -3.02
CA VAL B 78 4.63 3.58 -2.89
C VAL B 78 3.47 4.19 -2.13
N TYR B 79 3.52 5.49 -1.86
CA TYR B 79 2.44 6.18 -1.18
C TYR B 79 1.22 6.29 -2.09
N SER B 80 0.03 6.32 -1.49
CA SER B 80 -1.21 6.47 -2.22
C SER B 80 -2.00 7.67 -1.71
N LYS B 81 -3.09 7.99 -2.40
CA LYS B 81 -3.88 9.18 -2.14
C LYS B 81 -4.35 9.28 -0.69
N LEU B 82 -4.52 10.51 -0.22
CA LEU B 82 -4.79 10.82 1.18
C LEU B 82 -6.17 10.32 1.61
N PRO B 83 -6.23 9.44 2.63
CA PRO B 83 -7.46 8.97 3.24
C PRO B 83 -8.12 10.08 4.05
N ALA B 84 -9.45 10.09 4.08
CA ALA B 84 -10.21 10.94 4.96
C ALA B 84 -9.83 12.42 4.82
N LYS B 85 -9.56 12.86 3.60
CA LYS B 85 -9.21 14.25 3.32
C LYS B 85 -10.44 15.16 3.42
N ARG B 86 -11.56 14.63 3.90
CA ARG B 86 -12.81 15.38 4.03
C ARG B 86 -12.63 16.56 4.99
N TYR B 87 -13.51 17.55 4.87
CA TYR B 87 -13.48 18.75 5.71
C TYR B 87 -13.76 18.48 7.18
N ARG B 88 -13.29 19.37 8.05
CA ARG B 88 -13.48 19.25 9.50
C ARG B 88 -13.44 20.62 10.16
N MET B 1 -19.13 20.52 -3.59
CA MET B 1 -18.68 19.30 -4.29
C MET B 1 -18.18 18.27 -3.27
N HIS B 2 -17.95 17.04 -3.74
CA HIS B 2 -17.46 15.95 -2.89
C HIS B 2 -16.60 14.97 -3.68
N HIS B 3 -16.37 15.26 -4.97
CA HIS B 3 -15.55 14.41 -5.83
C HIS B 3 -14.08 14.46 -5.40
N ARG B 4 -13.33 13.39 -5.69
CA ARG B 4 -11.92 13.30 -5.35
C ARG B 4 -11.24 12.28 -6.26
N GLN B 5 -10.01 12.56 -6.68
CA GLN B 5 -9.24 11.65 -7.50
C GLN B 5 -7.74 11.94 -7.42
N GLU B 6 -7.37 13.17 -7.03
CA GLU B 6 -5.97 13.56 -6.90
C GLU B 6 -5.80 14.49 -5.69
N GLY B 7 -4.56 14.61 -5.22
CA GLY B 7 -4.23 15.43 -4.06
C GLY B 7 -2.92 14.96 -3.45
N GLU B 8 -2.62 15.42 -2.24
CA GLU B 8 -1.45 14.98 -1.51
C GLU B 8 -1.63 13.52 -1.09
N LEU B 9 -0.54 12.75 -1.09
CA LEU B 9 -0.56 11.36 -0.67
C LEU B 9 -0.28 11.28 0.82
N SER B 10 -0.79 10.24 1.47
CA SER B 10 -0.57 10.00 2.89
C SER B 10 0.70 9.17 3.08
N ASN B 11 1.40 9.39 4.20
CA ASN B 11 2.58 8.61 4.51
C ASN B 11 2.18 7.22 4.97
N THR B 12 0.91 7.03 5.36
CA THR B 12 0.44 5.74 5.85
C THR B 12 -0.30 4.93 4.79
N ARG B 13 -1.03 5.59 3.88
CA ARG B 13 -1.79 4.90 2.84
C ARG B 13 -0.84 4.49 1.72
N LEU B 14 -0.72 3.19 1.46
CA LEU B 14 0.16 2.65 0.43
C LEU B 14 -0.60 2.23 -0.83
N PHE B 15 0.07 2.26 -1.98
CA PHE B 15 -0.47 1.73 -3.23
C PHE B 15 0.32 0.45 -3.50
N VAL B 16 -0.35 -0.58 -4.03
CA VAL B 16 0.31 -1.81 -4.43
C VAL B 16 -0.16 -2.26 -5.81
N ARG B 17 0.80 -2.52 -6.70
CA ARG B 17 0.53 -2.85 -8.10
C ARG B 17 1.82 -3.33 -8.78
N PRO B 18 1.73 -4.13 -9.86
CA PRO B 18 0.51 -4.69 -10.39
C PRO B 18 -0.01 -5.83 -9.52
N PHE B 19 -1.34 -5.92 -9.40
CA PHE B 19 -2.00 -7.01 -8.70
C PHE B 19 -2.79 -7.95 -9.61
N PRO B 20 -2.89 -9.23 -9.23
CA PRO B 20 -3.73 -10.20 -9.91
C PRO B 20 -5.19 -9.97 -9.56
N LEU B 21 -6.10 -10.75 -10.15
CA LEU B 21 -7.52 -10.67 -9.86
C LEU B 21 -7.95 -11.75 -8.86
N ASP B 22 -7.00 -12.26 -8.08
CA ASP B 22 -7.25 -13.33 -7.12
C ASP B 22 -6.49 -13.06 -5.81
N VAL B 23 -5.96 -11.84 -5.66
CA VAL B 23 -5.27 -11.43 -4.44
C VAL B 23 -6.30 -11.27 -3.32
N GLN B 24 -5.85 -11.43 -2.07
CA GLN B 24 -6.71 -11.32 -0.90
C GLN B 24 -6.02 -10.47 0.16
N GLU B 25 -6.81 -9.86 1.05
CA GLU B 25 -6.26 -8.99 2.08
C GLU B 25 -5.35 -9.79 3.01
N SER B 26 -5.57 -11.11 3.11
CA SER B 26 -4.78 -11.96 3.97
C SER B 26 -3.36 -12.11 3.42
N GLU B 27 -3.20 -12.02 2.10
CA GLU B 27 -1.89 -12.10 1.48
C GLU B 27 -1.08 -10.85 1.87
N LEU B 28 -1.71 -9.68 1.80
CA LEU B 28 -1.05 -8.44 2.11
C LEU B 28 -0.80 -8.32 3.61
N ASN B 29 -1.66 -8.92 4.44
CA ASN B 29 -1.45 -8.88 5.87
C ASN B 29 -0.18 -9.64 6.26
N GLU B 30 0.20 -10.66 5.47
CA GLU B 30 1.42 -11.41 5.73
C GLU B 30 2.65 -10.69 5.19
N ILE B 31 2.48 -9.90 4.13
CA ILE B 31 3.59 -9.17 3.51
C ILE B 31 3.88 -7.88 4.25
N PHE B 32 2.85 -7.05 4.44
CA PHE B 32 3.00 -5.72 5.04
C PHE B 32 2.88 -5.75 6.56
N GLY B 33 2.30 -6.82 7.13
CA GLY B 33 2.07 -6.91 8.57
C GLY B 33 3.36 -6.83 9.39
N PRO B 34 4.43 -7.55 9.00
CA PRO B 34 5.71 -7.55 9.67
C PRO B 34 6.40 -6.18 9.71
N PHE B 35 5.70 -5.09 9.32
CA PHE B 35 6.29 -3.77 9.25
C PHE B 35 5.65 -2.78 10.23
N GLY B 36 4.62 -3.22 10.93
CA GLY B 36 3.96 -2.40 11.94
C GLY B 36 2.45 -2.67 11.97
N PRO B 37 1.75 -2.05 12.93
CA PRO B 37 0.32 -2.16 13.07
C PRO B 37 -0.38 -1.52 11.87
N MET B 38 -1.27 -2.28 11.23
CA MET B 38 -1.97 -1.81 10.04
C MET B 38 -3.29 -1.16 10.42
N LYS B 39 -3.69 -0.15 9.66
CA LYS B 39 -4.92 0.61 9.90
C LYS B 39 -6.08 0.03 9.09
N GLU B 40 -5.82 -0.29 7.82
CA GLU B 40 -6.86 -0.72 6.90
C GLU B 40 -6.25 -1.45 5.71
N VAL B 41 -7.00 -2.38 5.13
CA VAL B 41 -6.63 -3.02 3.89
C VAL B 41 -7.84 -3.14 2.98
N LYS B 42 -7.68 -2.80 1.70
CA LYS B 42 -8.72 -2.89 0.72
C LYS B 42 -8.13 -3.38 -0.60
N ILE B 43 -8.65 -4.50 -1.09
CA ILE B 43 -8.23 -5.09 -2.35
C ILE B 43 -9.18 -4.69 -3.46
N LEU B 44 -8.65 -4.42 -4.66
CA LEU B 44 -9.43 -3.92 -5.78
C LEU B 44 -8.89 -4.52 -7.08
N ASN B 45 -9.59 -4.26 -8.19
CA ASN B 45 -9.23 -4.80 -9.48
C ASN B 45 -7.95 -4.14 -10.00
N GLY B 46 -6.81 -4.81 -9.82
CA GLY B 46 -5.54 -4.38 -10.36
C GLY B 46 -4.65 -3.76 -9.31
N PHE B 47 -5.17 -3.53 -8.11
CA PHE B 47 -4.40 -2.93 -7.02
C PHE B 47 -5.02 -3.11 -5.65
N ALA B 48 -4.31 -2.67 -4.61
CA ALA B 48 -4.84 -2.68 -3.26
C ALA B 48 -4.25 -1.49 -2.49
N PHE B 49 -4.95 -1.07 -1.44
CA PHE B 49 -4.48 -0.02 -0.57
C PHE B 49 -4.27 -0.55 0.84
N VAL B 50 -3.10 -0.27 1.40
CA VAL B 50 -2.74 -0.73 2.73
C VAL B 50 -2.35 0.47 3.55
N GLU B 51 -3.13 0.76 4.59
CA GLU B 51 -2.86 1.89 5.45
C GLU B 51 -2.21 1.40 6.75
N PHE B 52 -1.31 2.21 7.31
CA PHE B 52 -0.70 1.93 8.60
C PHE B 52 -1.16 2.85 9.72
N GLU B 53 -0.99 2.42 10.97
CA GLU B 53 -1.28 3.25 12.12
C GLU B 53 -0.13 4.22 12.39
N GLU B 54 1.00 4.03 11.70
CA GLU B 54 2.17 4.89 11.86
C GLU B 54 2.83 5.14 10.50
N ALA B 55 3.35 6.35 10.31
CA ALA B 55 3.99 6.73 9.07
C ALA B 55 5.31 5.99 8.89
N GLU B 56 6.01 5.70 9.99
CA GLU B 56 7.28 5.01 9.94
C GLU B 56 7.09 3.56 9.50
N SER B 57 5.92 2.99 9.79
CA SER B 57 5.60 1.61 9.45
C SER B 57 5.33 1.48 7.96
N ALA B 58 4.58 2.44 7.39
CA ALA B 58 4.27 2.45 5.97
C ALA B 58 5.51 2.81 5.16
N ALA B 59 6.31 3.76 5.66
CA ALA B 59 7.51 4.18 4.96
C ALA B 59 8.53 3.03 4.91
N LYS B 60 8.53 2.17 5.92
CA LYS B 60 9.40 1.00 5.95
C LYS B 60 8.88 -0.07 4.99
N ALA B 61 7.58 -0.33 5.02
CA ALA B 61 6.98 -1.34 4.16
C ALA B 61 7.19 -0.99 2.68
N ILE B 62 7.37 0.29 2.36
CA ILE B 62 7.71 0.67 0.99
C ILE B 62 9.15 0.27 0.71
N GLU B 63 10.06 0.66 1.59
CA GLU B 63 11.48 0.42 1.40
C GLU B 63 11.84 -1.06 1.55
N GLU B 64 10.86 -1.91 1.87
CA GLU B 64 11.13 -3.34 2.06
C GLU B 64 10.28 -4.22 1.13
N VAL B 65 9.04 -3.84 0.85
CA VAL B 65 8.16 -4.63 -0.01
C VAL B 65 8.23 -4.18 -1.46
N HIS B 66 8.66 -2.94 -1.70
CA HIS B 66 8.78 -2.45 -3.07
C HIS B 66 9.75 -3.33 -3.84
N GLY B 67 9.25 -4.04 -4.85
CA GLY B 67 10.07 -4.86 -5.71
C GLY B 67 10.05 -6.34 -5.28
N LYS B 68 9.11 -6.72 -4.40
CA LYS B 68 8.99 -8.10 -3.96
C LYS B 68 8.17 -8.89 -4.97
N SER B 69 8.28 -10.22 -4.97
CA SER B 69 7.52 -11.03 -5.91
C SER B 69 6.07 -11.14 -5.47
N PHE B 70 5.16 -11.08 -6.45
CA PHE B 70 3.74 -11.27 -6.25
C PHE B 70 3.22 -11.64 -7.64
N ALA B 71 2.35 -12.65 -7.72
CA ALA B 71 1.87 -13.15 -9.01
C ALA B 71 3.05 -13.46 -9.94
N ASN B 72 4.13 -14.01 -9.37
CA ASN B 72 5.30 -14.44 -10.14
C ASN B 72 6.02 -13.29 -10.84
N GLN B 73 5.97 -12.07 -10.28
CA GLN B 73 6.64 -10.91 -10.84
C GLN B 73 6.83 -9.84 -9.76
N PRO B 74 7.85 -8.99 -9.88
CA PRO B 74 8.15 -7.95 -8.91
C PRO B 74 7.06 -6.88 -8.92
N LEU B 75 6.46 -6.63 -7.75
CA LEU B 75 5.46 -5.58 -7.60
C LEU B 75 6.12 -4.28 -7.16
N GLU B 76 5.30 -3.23 -7.03
CA GLU B 76 5.74 -1.94 -6.55
C GLU B 76 4.93 -1.52 -5.33
N VAL B 77 5.58 -0.77 -4.45
CA VAL B 77 4.96 -0.20 -3.27
C VAL B 77 5.37 1.26 -3.14
N VAL B 78 4.40 2.16 -2.99
CA VAL B 78 4.67 3.59 -2.87
C VAL B 78 3.50 4.21 -2.12
N TYR B 79 3.55 5.52 -1.87
CA TYR B 79 2.45 6.20 -1.22
C TYR B 79 1.23 6.26 -2.13
N SER B 80 0.05 6.37 -1.52
CA SER B 80 -1.20 6.49 -2.25
C SER B 80 -1.99 7.68 -1.73
N LYS B 81 -3.08 8.00 -2.44
CA LYS B 81 -3.88 9.18 -2.14
C LYS B 81 -4.35 9.21 -0.69
N LEU B 82 -4.44 10.41 -0.13
CA LEU B 82 -4.71 10.63 1.29
C LEU B 82 -6.14 10.23 1.64
N PRO B 83 -6.32 9.38 2.66
CA PRO B 83 -7.63 8.93 3.12
C PRO B 83 -8.37 10.04 3.84
N ALA B 84 -7.69 10.75 4.72
CA ALA B 84 -8.34 11.69 5.62
C ALA B 84 -7.33 12.62 6.26
N LYS B 85 -7.77 13.84 6.61
CA LYS B 85 -6.91 14.84 7.24
C LYS B 85 -6.78 14.57 8.75
N ARG B 86 -7.65 13.72 9.30
CA ARG B 86 -7.65 13.41 10.72
C ARG B 86 -6.39 12.65 11.10
N TYR B 87 -5.98 12.76 12.37
CA TYR B 87 -4.84 12.04 12.92
C TYR B 87 -5.05 10.54 13.06
N ARG B 88 -6.23 10.05 12.68
CA ARG B 88 -6.59 8.64 12.79
C ARG B 88 -7.58 8.25 11.71
N MET B 1 9.12 6.11 -19.40
CA MET B 1 9.03 6.90 -18.15
C MET B 1 8.20 6.16 -17.10
N HIS B 2 8.53 6.35 -15.82
CA HIS B 2 7.84 5.70 -14.73
C HIS B 2 6.40 6.22 -14.61
N HIS B 3 5.55 5.46 -13.91
CA HIS B 3 4.14 5.82 -13.72
C HIS B 3 3.94 6.57 -12.40
N ARG B 4 5.03 6.81 -11.65
CA ARG B 4 4.95 7.46 -10.35
C ARG B 4 4.53 8.93 -10.49
N GLN B 5 3.78 9.42 -9.50
CA GLN B 5 3.36 10.81 -9.43
C GLN B 5 3.23 11.23 -7.97
N GLU B 6 3.67 12.44 -7.63
CA GLU B 6 3.62 12.95 -6.26
C GLU B 6 2.37 13.81 -6.05
N GLY B 7 2.01 14.05 -4.79
CA GLY B 7 0.82 14.82 -4.45
C GLY B 7 0.60 14.83 -2.95
N GLU B 8 -0.66 15.05 -2.53
CA GLU B 8 -1.04 15.09 -1.13
C GLU B 8 -1.11 13.68 -0.51
N LEU B 9 -0.33 12.75 -1.06
CA LEU B 9 -0.36 11.35 -0.64
C LEU B 9 -0.05 11.23 0.86
N SER B 10 -0.74 10.30 1.52
CA SER B 10 -0.52 10.05 2.94
C SER B 10 0.75 9.21 3.13
N ASN B 11 1.43 9.39 4.26
CA ASN B 11 2.61 8.62 4.57
C ASN B 11 2.21 7.22 5.03
N THR B 12 0.95 7.03 5.44
CA THR B 12 0.47 5.75 5.93
C THR B 12 -0.27 4.93 4.87
N ARG B 13 -0.98 5.60 3.96
CA ARG B 13 -1.71 4.91 2.91
C ARG B 13 -0.73 4.53 1.79
N LEU B 14 -0.75 3.26 1.38
CA LEU B 14 0.17 2.74 0.38
C LEU B 14 -0.59 2.29 -0.87
N PHE B 15 0.05 2.39 -2.05
CA PHE B 15 -0.48 1.88 -3.30
C PHE B 15 0.31 0.60 -3.56
N VAL B 16 -0.38 -0.43 -4.05
CA VAL B 16 0.28 -1.69 -4.40
C VAL B 16 -0.23 -2.24 -5.72
N ARG B 17 0.70 -2.52 -6.63
CA ARG B 17 0.39 -2.93 -7.99
C ARG B 17 1.67 -3.34 -8.72
N PRO B 18 1.57 -4.14 -9.79
CA PRO B 18 0.35 -4.74 -10.29
C PRO B 18 -0.10 -5.88 -9.39
N PHE B 19 -1.39 -6.20 -9.43
CA PHE B 19 -1.94 -7.39 -8.80
C PHE B 19 -2.67 -8.34 -9.74
N PRO B 20 -2.74 -9.62 -9.38
CA PRO B 20 -3.53 -10.61 -10.08
C PRO B 20 -5.00 -10.39 -9.74
N LEU B 21 -5.91 -11.00 -10.51
CA LEU B 21 -7.34 -10.83 -10.28
C LEU B 21 -7.83 -11.75 -9.16
N ASP B 22 -6.93 -12.15 -8.24
CA ASP B 22 -7.26 -13.11 -7.18
C ASP B 22 -6.46 -12.81 -5.92
N VAL B 23 -5.88 -11.61 -5.80
CA VAL B 23 -5.17 -11.19 -4.59
C VAL B 23 -6.20 -11.02 -3.47
N GLN B 24 -5.76 -11.20 -2.22
CA GLN B 24 -6.62 -11.12 -1.05
C GLN B 24 -5.94 -10.30 0.04
N GLU B 25 -6.72 -9.71 0.93
CA GLU B 25 -6.17 -8.87 1.99
C GLU B 25 -5.32 -9.71 2.93
N SER B 26 -5.57 -11.03 2.99
CA SER B 26 -4.80 -11.91 3.84
C SER B 26 -3.37 -12.07 3.31
N GLU B 27 -3.20 -11.95 2.00
CA GLU B 27 -1.87 -12.02 1.40
C GLU B 27 -1.06 -10.79 1.81
N LEU B 28 -1.67 -9.61 1.69
CA LEU B 28 -0.99 -8.37 2.01
C LEU B 28 -0.79 -8.24 3.52
N ASN B 29 -1.70 -8.80 4.33
CA ASN B 29 -1.54 -8.73 5.77
C ASN B 29 -0.30 -9.50 6.23
N GLU B 30 0.09 -10.54 5.51
CA GLU B 30 1.30 -11.30 5.86
C GLU B 30 2.56 -10.63 5.33
N ILE B 31 2.45 -9.88 4.22
CA ILE B 31 3.59 -9.20 3.63
C ILE B 31 3.87 -7.87 4.34
N PHE B 32 2.85 -7.04 4.47
CA PHE B 32 2.98 -5.71 5.07
C PHE B 32 2.85 -5.73 6.59
N GLY B 33 2.29 -6.81 7.16
CA GLY B 33 2.07 -6.92 8.59
C GLY B 33 3.34 -6.79 9.44
N PRO B 34 4.45 -7.47 9.08
CA PRO B 34 5.67 -7.45 9.86
C PRO B 34 6.42 -6.11 9.78
N PHE B 35 5.72 -5.04 9.40
CA PHE B 35 6.31 -3.72 9.29
C PHE B 35 5.70 -2.71 10.25
N GLY B 36 4.68 -3.15 11.00
CA GLY B 36 4.04 -2.32 12.00
C GLY B 36 2.54 -2.59 12.04
N PRO B 37 1.83 -1.98 13.00
CA PRO B 37 0.40 -2.11 13.13
C PRO B 37 -0.31 -1.49 11.93
N MET B 38 -1.14 -2.29 11.25
CA MET B 38 -1.85 -1.82 10.08
C MET B 38 -3.18 -1.18 10.49
N LYS B 39 -3.58 -0.15 9.74
CA LYS B 39 -4.81 0.59 10.02
C LYS B 39 -5.99 -0.08 9.33
N GLU B 40 -5.88 -0.29 8.02
CA GLU B 40 -6.97 -0.83 7.22
C GLU B 40 -6.41 -1.27 5.87
N VAL B 41 -7.10 -2.20 5.20
CA VAL B 41 -6.68 -2.68 3.88
C VAL B 41 -7.88 -2.87 2.97
N LYS B 42 -7.72 -2.52 1.69
CA LYS B 42 -8.74 -2.73 0.69
C LYS B 42 -8.09 -3.26 -0.59
N ILE B 43 -8.60 -4.38 -1.09
CA ILE B 43 -8.12 -4.99 -2.32
C ILE B 43 -9.08 -4.66 -3.47
N LEU B 44 -8.53 -4.41 -4.67
CA LEU B 44 -9.31 -4.02 -5.83
C LEU B 44 -8.78 -4.74 -7.07
N ASN B 45 -9.53 -4.66 -8.17
CA ASN B 45 -9.32 -5.46 -9.36
C ASN B 45 -7.86 -5.51 -9.82
N GLY B 46 -7.14 -4.39 -9.76
CA GLY B 46 -5.77 -4.33 -10.26
C GLY B 46 -4.80 -3.72 -9.25
N PHE B 47 -5.29 -3.40 -8.05
CA PHE B 47 -4.47 -2.78 -7.02
C PHE B 47 -5.05 -2.95 -5.63
N ALA B 48 -4.31 -2.51 -4.60
CA ALA B 48 -4.81 -2.50 -3.24
C ALA B 48 -4.27 -1.28 -2.51
N PHE B 49 -4.94 -0.92 -1.41
CA PHE B 49 -4.53 0.18 -0.57
C PHE B 49 -4.33 -0.31 0.86
N VAL B 50 -3.08 -0.29 1.30
CA VAL B 50 -2.71 -0.75 2.63
C VAL B 50 -2.36 0.47 3.45
N GLU B 51 -3.08 0.66 4.56
CA GLU B 51 -2.84 1.78 5.44
C GLU B 51 -2.19 1.32 6.74
N PHE B 52 -1.31 2.15 7.31
CA PHE B 52 -0.69 1.90 8.61
C PHE B 52 -1.16 2.83 9.71
N GLU B 53 -0.98 2.41 10.97
CA GLU B 53 -1.26 3.25 12.11
C GLU B 53 -0.12 4.23 12.37
N GLU B 54 1.03 4.02 11.71
CA GLU B 54 2.20 4.87 11.84
C GLU B 54 2.86 5.11 10.49
N ALA B 55 3.38 6.32 10.30
CA ALA B 55 4.02 6.72 9.05
C ALA B 55 5.34 5.98 8.87
N GLU B 56 6.04 5.69 9.96
CA GLU B 56 7.32 5.00 9.90
C GLU B 56 7.12 3.55 9.47
N SER B 57 5.96 2.98 9.79
CA SER B 57 5.65 1.61 9.45
C SER B 57 5.38 1.47 7.95
N ALA B 58 4.62 2.42 7.39
CA ALA B 58 4.31 2.42 5.98
C ALA B 58 5.55 2.79 5.16
N ALA B 59 6.35 3.73 5.65
CA ALA B 59 7.56 4.15 4.96
C ALA B 59 8.56 3.00 4.89
N LYS B 60 8.58 2.12 5.91
CA LYS B 60 9.44 0.96 5.91
C LYS B 60 8.90 -0.11 4.96
N ALA B 61 7.59 -0.35 5.00
CA ALA B 61 6.99 -1.36 4.16
C ALA B 61 7.18 -1.02 2.68
N ILE B 62 7.38 0.25 2.35
CA ILE B 62 7.71 0.63 0.98
C ILE B 62 9.14 0.21 0.70
N GLU B 63 10.07 0.59 1.58
CA GLU B 63 11.49 0.33 1.39
C GLU B 63 11.81 -1.16 1.52
N GLU B 64 10.82 -2.00 1.85
CA GLU B 64 11.05 -3.42 2.04
C GLU B 64 10.20 -4.30 1.12
N VAL B 65 8.96 -3.88 0.83
CA VAL B 65 8.07 -4.67 -0.02
C VAL B 65 8.12 -4.21 -1.47
N HIS B 66 8.59 -2.98 -1.72
CA HIS B 66 8.69 -2.48 -3.08
C HIS B 66 9.64 -3.37 -3.86
N GLY B 67 9.11 -4.07 -4.85
CA GLY B 67 9.92 -4.91 -5.73
C GLY B 67 9.90 -6.37 -5.29
N LYS B 68 8.93 -6.76 -4.44
CA LYS B 68 8.82 -8.13 -3.99
C LYS B 68 7.93 -8.94 -4.93
N SER B 69 8.22 -10.23 -5.10
CA SER B 69 7.43 -11.07 -5.98
C SER B 69 6.06 -11.36 -5.37
N PHE B 70 5.04 -11.52 -6.22
CA PHE B 70 3.70 -11.80 -5.72
C PHE B 70 2.89 -12.57 -6.78
N ALA B 71 3.15 -12.30 -8.05
CA ALA B 71 2.43 -12.93 -9.15
C ALA B 71 3.39 -13.29 -10.26
N ASN B 72 4.42 -14.08 -9.92
CA ASN B 72 5.49 -14.45 -10.83
C ASN B 72 6.26 -13.22 -11.33
N GLN B 73 6.11 -12.09 -10.63
CA GLN B 73 6.80 -10.85 -10.98
C GLN B 73 6.78 -9.90 -9.78
N PRO B 74 7.77 -9.02 -9.67
CA PRO B 74 7.91 -8.09 -8.58
C PRO B 74 6.87 -6.98 -8.67
N LEU B 75 6.13 -6.76 -7.58
CA LEU B 75 5.19 -5.66 -7.47
C LEU B 75 5.88 -4.40 -6.97
N GLU B 76 5.15 -3.29 -6.99
CA GLU B 76 5.64 -1.99 -6.53
C GLU B 76 4.85 -1.51 -5.33
N VAL B 77 5.53 -0.76 -4.46
CA VAL B 77 4.93 -0.15 -3.29
C VAL B 77 5.38 1.29 -3.15
N VAL B 78 4.43 2.21 -2.99
CA VAL B 78 4.71 3.64 -2.86
C VAL B 78 3.53 4.26 -2.11
N TYR B 79 3.59 5.57 -1.85
CA TYR B 79 2.50 6.24 -1.17
C TYR B 79 1.27 6.34 -2.07
N SER B 80 0.09 6.39 -1.45
CA SER B 80 -1.17 6.55 -2.16
C SER B 80 -1.95 7.72 -1.60
N LYS B 81 -3.06 8.06 -2.26
CA LYS B 81 -3.85 9.24 -1.97
C LYS B 81 -4.34 9.28 -0.53
N LEU B 82 -4.60 10.50 -0.04
CA LEU B 82 -4.93 10.75 1.36
C LEU B 82 -6.34 10.24 1.70
N PRO B 83 -6.47 9.34 2.69
CA PRO B 83 -7.74 8.78 3.12
C PRO B 83 -8.69 9.83 3.68
N ALA B 84 -9.99 9.55 3.55
CA ALA B 84 -11.03 10.36 4.14
C ALA B 84 -10.95 11.83 3.70
N LYS B 85 -10.43 12.07 2.49
CA LYS B 85 -10.31 13.41 1.93
C LYS B 85 -10.76 13.44 0.47
N ARG B 86 -11.01 12.27 -0.13
CA ARG B 86 -11.49 12.18 -1.50
C ARG B 86 -12.87 12.83 -1.62
N TYR B 87 -13.13 13.50 -2.75
CA TYR B 87 -14.39 14.17 -2.98
C TYR B 87 -15.56 13.22 -3.22
N ARG B 88 -16.77 13.67 -2.87
CA ARG B 88 -17.98 12.87 -3.05
C ARG B 88 -18.36 12.78 -4.53
N MET B 1 15.23 5.94 1.56
CA MET B 1 14.15 6.76 2.14
C MET B 1 13.54 7.68 1.10
N HIS B 2 12.27 8.05 1.28
CA HIS B 2 11.58 8.96 0.37
C HIS B 2 12.07 10.40 0.56
N HIS B 3 11.84 11.24 -0.45
CA HIS B 3 12.24 12.64 -0.41
C HIS B 3 11.34 13.49 -1.30
N ARG B 4 10.31 12.88 -1.90
CA ARG B 4 9.40 13.56 -2.81
C ARG B 4 8.06 12.80 -2.88
N GLN B 5 6.99 13.53 -3.19
CA GLN B 5 5.69 12.95 -3.47
C GLN B 5 5.07 13.66 -4.68
N GLU B 6 4.27 12.93 -5.47
CA GLU B 6 3.64 13.48 -6.65
C GLU B 6 2.30 14.13 -6.31
N GLY B 7 1.99 14.24 -5.02
CA GLY B 7 0.74 14.85 -4.56
C GLY B 7 0.63 14.81 -3.04
N GLU B 8 -0.57 15.07 -2.53
CA GLU B 8 -0.87 15.08 -1.10
C GLU B 8 -0.92 13.66 -0.52
N LEU B 9 -0.18 12.73 -1.12
CA LEU B 9 -0.17 11.34 -0.71
C LEU B 9 0.12 11.21 0.78
N SER B 10 -0.55 10.28 1.44
CA SER B 10 -0.38 10.04 2.87
C SER B 10 0.86 9.20 3.11
N ASN B 11 1.50 9.40 4.27
CA ASN B 11 2.68 8.61 4.63
C ASN B 11 2.25 7.23 5.13
N THR B 12 0.96 7.03 5.44
CA THR B 12 0.48 5.75 5.93
C THR B 12 -0.33 4.95 4.91
N ARG B 13 -1.09 5.62 4.04
CA ARG B 13 -1.86 4.95 3.00
C ARG B 13 -0.90 4.57 1.86
N LEU B 14 -0.81 3.27 1.57
CA LEU B 14 0.10 2.76 0.53
C LEU B 14 -0.67 2.36 -0.72
N PHE B 15 0.04 2.32 -1.86
CA PHE B 15 -0.47 1.86 -3.13
C PHE B 15 0.30 0.59 -3.45
N VAL B 16 -0.37 -0.40 -4.06
CA VAL B 16 0.28 -1.63 -4.46
C VAL B 16 -0.24 -2.13 -5.81
N ARG B 17 0.69 -2.37 -6.74
CA ARG B 17 0.38 -2.84 -8.08
C ARG B 17 1.66 -3.29 -8.78
N PRO B 18 1.55 -4.13 -9.83
CA PRO B 18 0.32 -4.72 -10.31
C PRO B 18 -0.11 -5.88 -9.41
N PHE B 19 -1.40 -6.21 -9.45
CA PHE B 19 -1.93 -7.40 -8.81
C PHE B 19 -2.66 -8.35 -9.74
N PRO B 20 -2.72 -9.64 -9.37
CA PRO B 20 -3.50 -10.63 -10.08
C PRO B 20 -4.98 -10.42 -9.73
N LEU B 21 -5.88 -11.06 -10.47
CA LEU B 21 -7.30 -10.94 -10.21
C LEU B 21 -7.75 -11.94 -9.14
N ASP B 22 -6.86 -12.28 -8.21
CA ASP B 22 -7.14 -13.25 -7.16
C ASP B 22 -6.34 -12.91 -5.88
N VAL B 23 -5.81 -11.69 -5.79
CA VAL B 23 -5.13 -11.24 -4.58
C VAL B 23 -6.17 -11.09 -3.47
N GLN B 24 -5.73 -11.24 -2.21
CA GLN B 24 -6.61 -11.17 -1.05
C GLN B 24 -5.94 -10.37 0.04
N GLU B 25 -6.74 -9.79 0.95
CA GLU B 25 -6.19 -8.97 2.02
C GLU B 25 -5.34 -9.84 2.96
N SER B 26 -5.62 -11.14 2.98
CA SER B 26 -4.87 -12.06 3.84
C SER B 26 -3.44 -12.23 3.32
N GLU B 27 -3.23 -12.00 2.02
CA GLU B 27 -1.88 -12.05 1.45
C GLU B 27 -1.09 -10.81 1.89
N LEU B 28 -1.70 -9.63 1.75
CA LEU B 28 -1.02 -8.38 2.07
C LEU B 28 -0.81 -8.24 3.57
N ASN B 29 -1.70 -8.79 4.39
CA ASN B 29 -1.54 -8.70 5.83
C ASN B 29 -0.30 -9.47 6.30
N GLU B 30 0.11 -10.50 5.57
CA GLU B 30 1.30 -11.26 5.92
C GLU B 30 2.56 -10.60 5.37
N ILE B 31 2.44 -9.87 4.27
CA ILE B 31 3.58 -9.18 3.66
C ILE B 31 3.86 -7.86 4.36
N PHE B 32 2.84 -7.02 4.51
CA PHE B 32 2.98 -5.69 5.08
C PHE B 32 2.88 -5.69 6.60
N GLY B 33 2.28 -6.73 7.20
CA GLY B 33 2.05 -6.80 8.64
C GLY B 33 3.36 -6.73 9.46
N PRO B 34 4.41 -7.47 9.07
CA PRO B 34 5.70 -7.48 9.75
C PRO B 34 6.40 -6.12 9.77
N PHE B 35 5.73 -5.04 9.34
CA PHE B 35 6.31 -3.72 9.26
C PHE B 35 5.68 -2.73 10.23
N GLY B 36 4.63 -3.17 10.93
CA GLY B 36 3.99 -2.36 11.95
C GLY B 36 2.49 -2.62 12.01
N PRO B 37 1.79 -2.00 12.97
CA PRO B 37 0.36 -2.13 13.12
C PRO B 37 -0.36 -1.48 11.93
N MET B 38 -1.21 -2.26 11.26
CA MET B 38 -1.93 -1.79 10.09
C MET B 38 -3.26 -1.15 10.50
N LYS B 39 -3.66 -0.11 9.77
CA LYS B 39 -4.88 0.62 10.07
C LYS B 39 -6.06 0.00 9.33
N GLU B 40 -5.89 -0.26 8.03
CA GLU B 40 -6.97 -0.72 7.18
C GLU B 40 -6.39 -1.25 5.86
N VAL B 41 -7.10 -2.16 5.21
CA VAL B 41 -6.69 -2.71 3.91
C VAL B 41 -7.90 -2.84 2.98
N LYS B 42 -7.69 -2.57 1.70
CA LYS B 42 -8.71 -2.75 0.69
C LYS B 42 -8.07 -3.31 -0.58
N ILE B 43 -8.59 -4.43 -1.07
CA ILE B 43 -8.13 -5.05 -2.31
C ILE B 43 -9.09 -4.70 -3.44
N LEU B 44 -8.54 -4.47 -4.64
CA LEU B 44 -9.32 -4.05 -5.79
C LEU B 44 -8.77 -4.70 -7.06
N ASN B 45 -9.47 -4.51 -8.17
CA ASN B 45 -9.10 -5.11 -9.44
C ASN B 45 -7.84 -4.46 -10.00
N GLY B 46 -6.69 -5.05 -9.70
CA GLY B 46 -5.41 -4.62 -10.24
C GLY B 46 -4.56 -3.90 -9.19
N PHE B 47 -5.13 -3.60 -8.02
CA PHE B 47 -4.38 -2.93 -6.95
C PHE B 47 -4.99 -3.12 -5.58
N ALA B 48 -4.31 -2.59 -4.56
CA ALA B 48 -4.83 -2.56 -3.21
C ALA B 48 -4.28 -1.33 -2.49
N PHE B 49 -4.95 -0.93 -1.41
CA PHE B 49 -4.51 0.17 -0.57
C PHE B 49 -4.32 -0.31 0.85
N VAL B 50 -3.09 -0.18 1.37
CA VAL B 50 -2.74 -0.67 2.69
C VAL B 50 -2.38 0.53 3.56
N GLU B 51 -3.18 0.78 4.58
CA GLU B 51 -2.95 1.89 5.48
C GLU B 51 -2.28 1.40 6.77
N PHE B 52 -1.37 2.22 7.31
CA PHE B 52 -0.74 1.96 8.60
C PHE B 52 -1.20 2.88 9.72
N GLU B 53 -0.99 2.46 10.97
CA GLU B 53 -1.27 3.31 12.12
C GLU B 53 -0.10 4.26 12.38
N GLU B 54 1.04 4.04 11.71
CA GLU B 54 2.22 4.88 11.86
C GLU B 54 2.90 5.12 10.52
N ALA B 55 3.45 6.32 10.33
CA ALA B 55 4.11 6.69 9.10
C ALA B 55 5.42 5.94 8.93
N GLU B 56 6.10 5.63 10.04
CA GLU B 56 7.37 4.92 9.99
C GLU B 56 7.15 3.48 9.53
N SER B 57 5.97 2.92 9.83
CA SER B 57 5.63 1.56 9.47
C SER B 57 5.38 1.44 7.97
N ALA B 58 4.63 2.40 7.42
CA ALA B 58 4.31 2.41 6.00
C ALA B 58 5.53 2.77 5.17
N ALA B 59 6.34 3.72 5.66
CA ALA B 59 7.54 4.14 4.97
C ALA B 59 8.55 3.00 4.89
N LYS B 60 8.57 2.12 5.89
CA LYS B 60 9.44 0.96 5.89
C LYS B 60 8.89 -0.11 4.94
N ALA B 61 7.58 -0.34 4.98
CA ALA B 61 6.96 -1.34 4.13
C ALA B 61 7.14 -1.00 2.65
N ILE B 62 7.33 0.28 2.33
CA ILE B 62 7.66 0.65 0.96
C ILE B 62 9.09 0.26 0.65
N GLU B 63 10.01 0.62 1.56
CA GLU B 63 11.43 0.37 1.38
C GLU B 63 11.76 -1.13 1.48
N GLU B 64 10.77 -1.97 1.79
CA GLU B 64 11.01 -3.39 1.95
C GLU B 64 10.15 -4.25 1.01
N VAL B 65 8.88 -3.87 0.80
CA VAL B 65 7.98 -4.64 -0.05
C VAL B 65 8.05 -4.17 -1.51
N HIS B 66 8.52 -2.96 -1.76
CA HIS B 66 8.63 -2.47 -3.11
C HIS B 66 9.60 -3.38 -3.88
N GLY B 67 9.06 -4.08 -4.88
CA GLY B 67 9.86 -4.90 -5.75
C GLY B 67 9.83 -6.38 -5.34
N LYS B 68 8.89 -6.77 -4.46
CA LYS B 68 8.78 -8.16 -4.03
C LYS B 68 7.93 -8.97 -5.00
N SER B 69 8.25 -10.25 -5.17
CA SER B 69 7.48 -11.11 -6.06
C SER B 69 6.12 -11.41 -5.44
N PHE B 70 5.09 -11.54 -6.28
CA PHE B 70 3.75 -11.83 -5.77
C PHE B 70 2.91 -12.58 -6.81
N ALA B 71 3.18 -12.33 -8.10
CA ALA B 71 2.43 -12.95 -9.18
C ALA B 71 3.38 -13.28 -10.32
N ASN B 72 4.42 -14.07 -10.02
CA ASN B 72 5.47 -14.42 -10.96
C ASN B 72 6.22 -13.17 -11.45
N GLN B 73 6.09 -12.06 -10.71
CA GLN B 73 6.74 -10.81 -11.06
C GLN B 73 6.76 -9.89 -9.85
N PRO B 74 7.76 -8.99 -9.76
CA PRO B 74 7.90 -8.07 -8.66
C PRO B 74 6.84 -6.98 -8.72
N LEU B 75 6.12 -6.78 -7.61
CA LEU B 75 5.15 -5.69 -7.49
C LEU B 75 5.83 -4.42 -7.01
N GLU B 76 5.09 -3.31 -7.02
CA GLU B 76 5.56 -2.01 -6.59
C GLU B 76 4.80 -1.53 -5.36
N VAL B 77 5.49 -0.76 -4.51
CA VAL B 77 4.90 -0.15 -3.33
C VAL B 77 5.34 1.30 -3.21
N VAL B 78 4.39 2.21 -3.04
CA VAL B 78 4.67 3.64 -2.88
C VAL B 78 3.49 4.24 -2.11
N TYR B 79 3.55 5.54 -1.83
CA TYR B 79 2.45 6.21 -1.14
C TYR B 79 1.23 6.32 -2.05
N SER B 80 0.05 6.41 -1.44
CA SER B 80 -1.20 6.57 -2.17
C SER B 80 -1.97 7.78 -1.66
N LYS B 81 -3.05 8.11 -2.36
CA LYS B 81 -3.86 9.29 -2.09
C LYS B 81 -4.36 9.33 -0.64
N LEU B 82 -4.54 10.55 -0.14
CA LEU B 82 -4.82 10.80 1.28
C LEU B 82 -6.22 10.31 1.68
N PRO B 83 -6.31 9.39 2.66
CA PRO B 83 -7.56 8.89 3.19
C PRO B 83 -8.38 9.97 3.88
N ALA B 84 -9.69 9.71 3.99
CA ALA B 84 -10.62 10.55 4.72
C ALA B 84 -10.65 11.99 4.21
N LYS B 85 -10.05 12.25 3.04
CA LYS B 85 -10.08 13.55 2.38
C LYS B 85 -9.68 14.68 3.33
N ARG B 86 -8.68 14.42 4.18
CA ARG B 86 -8.23 15.39 5.19
C ARG B 86 -7.61 16.64 4.56
N TYR B 87 -7.43 16.65 3.24
CA TYR B 87 -6.91 17.81 2.53
C TYR B 87 -7.91 18.97 2.43
N ARG B 88 -9.16 18.73 2.83
CA ARG B 88 -10.22 19.74 2.79
C ARG B 88 -9.92 20.88 3.76
N MET B 1 -12.97 6.60 -7.35
CA MET B 1 -13.95 7.58 -6.85
C MET B 1 -13.51 8.99 -7.24
N HIS B 2 -14.38 9.99 -7.00
CA HIS B 2 -14.07 11.39 -7.28
C HIS B 2 -13.18 11.99 -6.18
N HIS B 3 -12.36 11.16 -5.52
CA HIS B 3 -11.49 11.62 -4.45
C HIS B 3 -10.35 12.47 -4.98
N ARG B 4 -9.42 12.85 -4.10
CA ARG B 4 -8.35 13.80 -4.41
C ARG B 4 -7.52 13.33 -5.60
N GLN B 5 -6.92 14.29 -6.29
CA GLN B 5 -6.03 14.03 -7.42
C GLN B 5 -4.66 13.55 -6.90
N GLU B 6 -3.72 13.29 -7.82
CA GLU B 6 -2.38 12.84 -7.48
C GLU B 6 -1.63 13.90 -6.67
N GLY B 7 -0.58 13.46 -5.97
CA GLY B 7 0.22 14.35 -5.14
C GLY B 7 -0.34 14.44 -3.72
N GLU B 8 0.46 15.00 -2.80
CA GLU B 8 0.09 15.12 -1.39
C GLU B 8 -0.33 13.76 -0.81
N LEU B 9 0.36 12.69 -1.21
CA LEU B 9 0.03 11.34 -0.78
C LEU B 9 0.21 11.21 0.73
N SER B 10 -0.51 10.26 1.33
CA SER B 10 -0.40 9.97 2.75
C SER B 10 0.85 9.17 3.03
N ASN B 11 1.46 9.38 4.21
CA ASN B 11 2.63 8.62 4.61
C ASN B 11 2.22 7.24 5.11
N THR B 12 0.94 7.05 5.48
CA THR B 12 0.48 5.79 6.05
C THR B 12 -0.25 4.96 5.00
N ARG B 13 -1.06 5.58 4.14
CA ARG B 13 -1.82 4.84 3.14
C ARG B 13 -0.93 4.55 1.93
N LEU B 14 -0.74 3.26 1.66
CA LEU B 14 0.14 2.78 0.59
C LEU B 14 -0.64 2.40 -0.67
N PHE B 15 0.06 2.33 -1.80
CA PHE B 15 -0.48 1.88 -3.06
C PHE B 15 0.31 0.64 -3.47
N VAL B 16 -0.38 -0.37 -4.03
CA VAL B 16 0.30 -1.59 -4.46
C VAL B 16 -0.23 -2.08 -5.80
N ARG B 17 0.70 -2.35 -6.73
CA ARG B 17 0.39 -2.83 -8.07
C ARG B 17 1.68 -3.29 -8.76
N PRO B 18 1.58 -4.11 -9.80
CA PRO B 18 0.34 -4.71 -10.29
C PRO B 18 -0.09 -5.86 -9.39
N PHE B 19 -1.38 -6.18 -9.44
CA PHE B 19 -1.92 -7.38 -8.79
C PHE B 19 -2.65 -8.33 -9.73
N PRO B 20 -2.74 -9.61 -9.35
CA PRO B 20 -3.54 -10.60 -10.05
C PRO B 20 -5.02 -10.35 -9.74
N LEU B 21 -5.91 -11.06 -10.40
CA LEU B 21 -7.34 -10.94 -10.15
C LEU B 21 -7.78 -11.92 -9.06
N ASP B 22 -6.86 -12.30 -8.17
CA ASP B 22 -7.13 -13.27 -7.11
C ASP B 22 -6.31 -12.94 -5.85
N VAL B 23 -5.76 -11.72 -5.76
CA VAL B 23 -5.06 -11.27 -4.56
C VAL B 23 -6.09 -11.14 -3.44
N GLN B 24 -5.65 -11.30 -2.19
CA GLN B 24 -6.53 -11.25 -1.02
C GLN B 24 -5.86 -10.43 0.07
N GLU B 25 -6.65 -9.83 0.96
CA GLU B 25 -6.12 -8.99 2.01
C GLU B 25 -5.25 -9.81 2.95
N SER B 26 -5.46 -11.14 3.00
CA SER B 26 -4.67 -12.02 3.85
C SER B 26 -3.25 -12.14 3.30
N GLU B 27 -3.08 -12.01 1.98
CA GLU B 27 -1.76 -12.06 1.38
C GLU B 27 -0.97 -10.82 1.78
N LEU B 28 -1.60 -9.65 1.68
CA LEU B 28 -0.94 -8.40 2.01
C LEU B 28 -0.73 -8.28 3.51
N ASN B 29 -1.61 -8.87 4.33
CA ASN B 29 -1.43 -8.83 5.77
C ASN B 29 -0.18 -9.58 6.20
N GLU B 30 0.22 -10.61 5.43
CA GLU B 30 1.42 -11.38 5.74
C GLU B 30 2.67 -10.67 5.23
N ILE B 31 2.54 -9.89 4.16
CA ILE B 31 3.67 -9.18 3.56
C ILE B 31 3.94 -7.86 4.27
N PHE B 32 2.90 -7.04 4.43
CA PHE B 32 3.02 -5.72 5.02
C PHE B 32 2.92 -5.73 6.54
N GLY B 33 2.33 -6.78 7.11
CA GLY B 33 2.09 -6.87 8.55
C GLY B 33 3.38 -6.81 9.37
N PRO B 34 4.44 -7.53 8.99
CA PRO B 34 5.73 -7.54 9.67
C PRO B 34 6.42 -6.17 9.72
N PHE B 35 5.75 -5.10 9.29
CA PHE B 35 6.34 -3.77 9.25
C PHE B 35 5.69 -2.81 10.24
N GLY B 36 4.63 -3.28 10.91
CA GLY B 36 3.96 -2.49 11.93
C GLY B 36 2.45 -2.78 11.94
N PRO B 37 1.73 -2.22 12.91
CA PRO B 37 0.30 -2.37 13.03
C PRO B 37 -0.40 -1.70 11.86
N MET B 38 -1.30 -2.43 11.19
CA MET B 38 -2.01 -1.94 10.02
C MET B 38 -3.34 -1.32 10.42
N LYS B 39 -3.73 -0.26 9.71
CA LYS B 39 -4.96 0.48 10.00
C LYS B 39 -6.11 -0.02 9.15
N GLU B 40 -5.85 -0.30 7.87
CA GLU B 40 -6.89 -0.71 6.94
C GLU B 40 -6.27 -1.40 5.72
N VAL B 41 -7.03 -2.33 5.13
CA VAL B 41 -6.64 -2.97 3.89
C VAL B 41 -7.85 -3.10 2.98
N LYS B 42 -7.67 -2.77 1.69
CA LYS B 42 -8.71 -2.90 0.70
C LYS B 42 -8.10 -3.40 -0.59
N ILE B 43 -8.60 -4.53 -1.07
CA ILE B 43 -8.14 -5.13 -2.32
C ILE B 43 -9.12 -4.78 -3.45
N LEU B 44 -8.58 -4.51 -4.64
CA LEU B 44 -9.38 -4.09 -5.80
C LEU B 44 -8.82 -4.72 -7.07
N ASN B 45 -9.51 -4.50 -8.18
CA ASN B 45 -9.10 -5.04 -9.46
C ASN B 45 -7.82 -4.34 -9.93
N GLY B 46 -6.68 -5.00 -9.74
CA GLY B 46 -5.39 -4.54 -10.26
C GLY B 46 -4.57 -3.85 -9.17
N PHE B 47 -5.15 -3.59 -8.00
CA PHE B 47 -4.42 -2.94 -6.92
C PHE B 47 -5.01 -3.15 -5.54
N ALA B 48 -4.34 -2.62 -4.52
CA ALA B 48 -4.85 -2.60 -3.17
C ALA B 48 -4.32 -1.36 -2.45
N PHE B 49 -5.00 -0.96 -1.39
CA PHE B 49 -4.56 0.15 -0.56
C PHE B 49 -4.37 -0.36 0.87
N VAL B 50 -3.20 -0.07 1.44
CA VAL B 50 -2.82 -0.57 2.76
C VAL B 50 -2.39 0.60 3.62
N GLU B 51 -3.20 0.96 4.60
CA GLU B 51 -2.85 2.04 5.52
C GLU B 51 -2.25 1.48 6.81
N PHE B 52 -1.22 2.15 7.34
CA PHE B 52 -0.65 1.81 8.63
C PHE B 52 -1.14 2.71 9.77
N GLU B 53 -0.99 2.23 11.00
CA GLU B 53 -1.29 3.06 12.16
C GLU B 53 -0.15 4.02 12.45
N GLU B 54 1.00 3.83 11.78
CA GLU B 54 2.16 4.70 11.95
C GLU B 54 2.81 4.98 10.59
N ALA B 55 3.32 6.20 10.42
CA ALA B 55 3.93 6.62 9.17
C ALA B 55 5.27 5.92 8.95
N GLU B 56 6.00 5.63 10.04
CA GLU B 56 7.29 4.98 9.95
C GLU B 56 7.12 3.52 9.50
N SER B 57 5.98 2.92 9.84
CA SER B 57 5.69 1.55 9.47
C SER B 57 5.38 1.44 7.98
N ALA B 58 4.63 2.40 7.45
CA ALA B 58 4.29 2.43 6.04
C ALA B 58 5.51 2.79 5.21
N ALA B 59 6.31 3.75 5.70
CA ALA B 59 7.51 4.19 5.01
C ALA B 59 8.52 3.03 4.92
N LYS B 60 8.55 2.16 5.94
CA LYS B 60 9.42 0.99 5.93
C LYS B 60 8.89 -0.06 4.95
N ALA B 61 7.57 -0.32 5.00
CA ALA B 61 6.97 -1.31 4.13
C ALA B 61 7.17 -0.95 2.66
N ILE B 62 7.34 0.33 2.35
CA ILE B 62 7.66 0.72 0.97
C ILE B 62 9.10 0.32 0.66
N GLU B 63 10.01 0.69 1.55
CA GLU B 63 11.43 0.45 1.35
C GLU B 63 11.78 -1.04 1.47
N GLU B 64 10.79 -1.88 1.79
CA GLU B 64 11.05 -3.31 1.97
C GLU B 64 10.18 -4.18 1.06
N VAL B 65 8.93 -3.78 0.80
CA VAL B 65 8.03 -4.57 -0.04
C VAL B 65 8.08 -4.11 -1.49
N HIS B 66 8.54 -2.89 -1.75
CA HIS B 66 8.66 -2.40 -3.11
C HIS B 66 9.61 -3.29 -3.88
N GLY B 67 9.08 -4.01 -4.89
CA GLY B 67 9.88 -4.85 -5.75
C GLY B 67 9.84 -6.30 -5.30
N LYS B 68 8.92 -6.68 -4.42
CA LYS B 68 8.82 -8.04 -3.92
C LYS B 68 8.03 -8.90 -4.90
N SER B 69 8.21 -10.22 -4.83
CA SER B 69 7.53 -11.13 -5.74
C SER B 69 6.08 -11.33 -5.31
N PHE B 70 5.19 -11.37 -6.31
CA PHE B 70 3.76 -11.63 -6.09
C PHE B 70 3.23 -11.98 -7.49
N ALA B 71 2.41 -13.02 -7.59
CA ALA B 71 1.87 -13.46 -8.87
C ALA B 71 2.99 -13.65 -9.91
N ASN B 72 4.13 -14.19 -9.47
CA ASN B 72 5.25 -14.51 -10.34
C ASN B 72 5.89 -13.28 -11.00
N GLN B 73 5.79 -12.10 -10.36
CA GLN B 73 6.38 -10.88 -10.88
C GLN B 73 6.59 -9.87 -9.75
N PRO B 74 7.58 -8.99 -9.89
CA PRO B 74 7.89 -7.98 -8.89
C PRO B 74 6.80 -6.90 -8.86
N LEU B 75 6.19 -6.67 -7.69
CA LEU B 75 5.22 -5.61 -7.52
C LEU B 75 5.88 -4.32 -7.04
N GLU B 76 5.11 -3.24 -7.01
CA GLU B 76 5.58 -1.93 -6.58
C GLU B 76 4.82 -1.45 -5.35
N VAL B 77 5.50 -0.68 -4.50
CA VAL B 77 4.90 -0.08 -3.32
C VAL B 77 5.35 1.37 -3.19
N VAL B 78 4.39 2.28 -3.02
CA VAL B 78 4.65 3.71 -2.90
C VAL B 78 3.49 4.33 -2.14
N TYR B 79 3.57 5.64 -1.86
CA TYR B 79 2.51 6.33 -1.14
C TYR B 79 1.24 6.46 -1.99
N SER B 80 0.08 6.43 -1.32
CA SER B 80 -1.20 6.48 -1.98
C SER B 80 -1.95 7.77 -1.64
N LYS B 81 -2.98 8.09 -2.43
CA LYS B 81 -3.75 9.31 -2.28
C LYS B 81 -4.28 9.48 -0.87
N LEU B 82 -4.41 10.73 -0.44
CA LEU B 82 -4.68 11.08 0.95
C LEU B 82 -6.13 10.75 1.33
N PRO B 83 -6.35 9.96 2.38
CA PRO B 83 -7.66 9.64 2.91
C PRO B 83 -8.32 10.85 3.55
N ALA B 84 -9.42 10.58 4.26
CA ALA B 84 -10.20 11.56 4.98
C ALA B 84 -9.38 12.24 6.09
N LYS B 85 -8.18 11.72 6.38
CA LYS B 85 -7.29 12.30 7.38
C LYS B 85 -6.74 13.64 6.91
N ARG B 86 -6.10 14.38 7.82
CA ARG B 86 -5.50 15.68 7.51
C ARG B 86 -4.34 15.51 6.52
N TYR B 87 -3.92 16.61 5.90
CA TYR B 87 -2.80 16.61 4.98
C TYR B 87 -1.46 16.23 5.60
N ARG B 88 -0.51 15.80 4.77
CA ARG B 88 0.80 15.36 5.21
C ARG B 88 1.59 16.53 5.82
#